data_8DTT
#
_entry.id   8DTT
#
_cell.length_a   65.855
_cell.length_b   65.973
_cell.length_c   197.651
_cell.angle_alpha   90.000
_cell.angle_beta   90.000
_cell.angle_gamma   90.000
#
_symmetry.space_group_name_H-M   'P 21 21 21'
#
loop_
_entity.id
_entity.type
_entity.pdbx_description
1 polymer 'COV93-03 heavy chain'
2 polymer 'COV93-03 light chain'
3 polymer "Spike protein S2' stem helix peptide"
4 water water
#
loop_
_entity_poly.entity_id
_entity_poly.type
_entity_poly.pdbx_seq_one_letter_code
_entity_poly.pdbx_strand_id
1 'polypeptide(L)'
;QLQLVQSGAEVKKPGASVKLSCKASGNTFTSHYIHWVRQAPGQGPEWMGIINPSGSGTRYAQKFQGRVTMTRDTSTSTVY
MELVSLRFEDTAVYYCAGDYYLDYWGQGTLVTVSSASTKGPSVFPLAPSSKSTSGGTAALGCLVKDYFPEPVTVSWNSGA
LTSGVHTFPAVLQSSGLYSLSSVVTVPSSSLGTQTYICNVNHKPSNTKVDKKVEPKSC
;
A,E
2 'polypeptide(L)'
;EFVLTQSPGTLSLSPGERATLSCRASQSVTSNYLAWYQQKPGQAPRLLIFGASSRATGIPDRFSGSGSGTDFTLTISRLE
PEDFAVYYCQQYGSSPPMYTFGPGTKVEIKRTVAAPSVFIFPPSDEQLKSGTASVVCLLNNFYPREAKVQWKVDNALQSG
NSQESVTEQDSKDSTYSLSSTLTLSKADYEKHKVYACEVTHQGLSSPVTKSFNRGEC
;
B,F
3 'polypeptide(L)' FKEELDKYFKNHTSP G,J
#
# COMPACT_ATOMS: atom_id res chain seq x y z
N GLN A 1 18.65 -26.98 -13.21
CA GLN A 1 18.10 -28.11 -13.95
C GLN A 1 17.39 -29.07 -13.00
N LEU A 2 17.15 -28.63 -11.77
CA LEU A 2 16.43 -29.43 -10.79
C LEU A 2 14.94 -29.39 -11.11
N GLN A 3 14.39 -30.52 -11.52
CA GLN A 3 13.01 -30.63 -11.96
C GLN A 3 12.40 -31.91 -11.41
N LEU A 4 11.09 -31.91 -11.26
CA LEU A 4 10.35 -33.04 -10.69
C LEU A 4 9.15 -33.33 -11.57
N VAL A 5 8.91 -34.60 -11.87
CA VAL A 5 7.80 -35.03 -12.72
C VAL A 5 6.94 -36.00 -11.92
N GLN A 6 5.65 -35.66 -11.76
CA GLN A 6 4.75 -36.43 -10.92
C GLN A 6 3.86 -37.35 -11.77
N SER A 7 3.31 -38.36 -11.09
CA SER A 7 2.43 -39.32 -11.73
C SER A 7 1.08 -38.68 -12.07
N GLY A 8 0.26 -39.43 -12.80
CA GLY A 8 -0.99 -38.92 -13.34
C GLY A 8 -2.13 -38.95 -12.34
N ALA A 9 -3.24 -38.33 -12.74
CA ALA A 9 -4.37 -38.11 -11.86
C ALA A 9 -5.00 -39.43 -11.40
N GLU A 10 -5.56 -39.41 -10.19
CA GLU A 10 -6.14 -40.61 -9.58
C GLU A 10 -7.57 -40.35 -9.15
N VAL A 11 -8.40 -41.37 -9.23
CA VAL A 11 -9.75 -41.36 -8.67
C VAL A 11 -9.87 -42.55 -7.74
N LYS A 12 -10.30 -42.29 -6.50
CA LYS A 12 -10.37 -43.33 -5.49
C LYS A 12 -11.68 -43.24 -4.72
N LYS A 13 -12.19 -44.39 -4.29
CA LYS A 13 -13.36 -44.44 -3.43
C LYS A 13 -12.98 -44.08 -2.00
N PRO A 14 -13.92 -43.56 -1.22
CA PRO A 14 -13.64 -43.32 0.20
C PRO A 14 -13.22 -44.60 0.90
N GLY A 15 -12.21 -44.49 1.77
CA GLY A 15 -11.67 -45.63 2.47
C GLY A 15 -10.52 -46.34 1.78
N ALA A 16 -10.34 -46.09 0.48
CA ALA A 16 -9.25 -46.69 -0.27
C ALA A 16 -7.95 -45.95 0.01
N SER A 17 -6.87 -46.36 -0.66
CA SER A 17 -5.57 -45.73 -0.54
C SER A 17 -5.10 -45.27 -1.91
N VAL A 18 -4.13 -44.36 -1.92
CA VAL A 18 -3.52 -43.89 -3.16
C VAL A 18 -2.02 -43.77 -2.96
N LYS A 19 -1.27 -44.12 -4.00
CA LYS A 19 0.19 -44.03 -3.99
C LYS A 19 0.64 -43.17 -5.16
N LEU A 20 1.20 -42.02 -4.85
CA LEU A 20 1.68 -41.05 -5.84
C LEU A 20 3.18 -41.16 -5.98
N SER A 21 3.70 -40.79 -7.15
CA SER A 21 5.14 -40.87 -7.39
C SER A 21 5.65 -39.53 -7.91
N CYS A 22 6.93 -39.29 -7.65
CA CYS A 22 7.59 -38.03 -7.97
C CYS A 22 9.02 -38.36 -8.39
N LYS A 23 9.32 -38.22 -9.69
CA LYS A 23 10.61 -38.61 -10.25
C LYS A 23 11.44 -37.38 -10.64
N ALA A 24 12.68 -37.36 -10.18
CA ALA A 24 13.56 -36.24 -10.52
C ALA A 24 14.02 -36.36 -11.98
N SER A 25 14.18 -35.21 -12.63
CA SER A 25 14.67 -35.15 -14.00
C SER A 25 15.65 -33.99 -14.13
N GLY A 26 16.33 -33.94 -15.26
CA GLY A 26 17.36 -32.94 -15.47
C GLY A 26 18.64 -33.29 -14.73
N ASN A 27 19.00 -32.48 -13.73
CA ASN A 27 20.16 -32.76 -12.89
C ASN A 27 19.72 -33.73 -11.81
N THR A 28 19.95 -35.01 -12.06
CA THR A 28 19.66 -36.06 -11.09
C THR A 28 20.93 -36.62 -10.46
N PHE A 29 21.97 -35.79 -10.37
CA PHE A 29 23.28 -36.27 -9.94
C PHE A 29 23.49 -36.24 -8.43
N THR A 30 22.70 -35.47 -7.70
CA THR A 30 22.70 -35.51 -6.25
C THR A 30 21.30 -35.80 -5.75
N SER A 31 21.19 -36.07 -4.45
CA SER A 31 19.91 -36.35 -3.82
C SER A 31 19.53 -35.21 -2.89
N HIS A 32 18.23 -34.94 -2.81
CA HIS A 32 17.73 -33.78 -2.10
C HIS A 32 16.59 -34.18 -1.18
N TYR A 33 16.35 -33.35 -0.17
CA TYR A 33 15.12 -33.48 0.60
C TYR A 33 13.93 -33.35 -0.34
N ILE A 34 12.87 -34.12 -0.08
CA ILE A 34 11.64 -34.02 -0.87
C ILE A 34 10.46 -33.86 0.08
N HIS A 35 9.58 -32.92 -0.24
CA HIS A 35 8.38 -32.62 0.54
C HIS A 35 7.15 -33.00 -0.28
N TRP A 36 6.05 -33.25 0.42
CA TRP A 36 4.76 -33.37 -0.22
C TRP A 36 3.84 -32.28 0.35
N VAL A 37 3.14 -31.59 -0.55
CA VAL A 37 2.27 -30.48 -0.20
C VAL A 37 0.98 -30.66 -0.99
N ARG A 38 -0.17 -30.48 -0.34
CA ARG A 38 -1.43 -30.59 -1.06
C ARG A 38 -2.22 -29.30 -0.97
N GLN A 39 -3.20 -29.16 -1.87
CA GLN A 39 -3.99 -27.94 -1.97
C GLN A 39 -5.41 -28.32 -2.38
N ALA A 40 -6.35 -28.25 -1.45
CA ALA A 40 -7.74 -28.53 -1.75
C ALA A 40 -8.35 -27.36 -2.53
N PRO A 41 -9.41 -27.61 -3.30
CA PRO A 41 -10.03 -26.53 -4.09
C PRO A 41 -10.38 -25.31 -3.25
N GLY A 42 -9.94 -24.15 -3.70
CA GLY A 42 -10.21 -22.89 -3.02
C GLY A 42 -9.41 -22.64 -1.76
N GLN A 43 -8.47 -23.52 -1.42
CA GLN A 43 -7.70 -23.41 -0.20
C GLN A 43 -6.24 -23.11 -0.54
N GLY A 44 -5.48 -22.76 0.50
CA GLY A 44 -4.06 -22.58 0.36
C GLY A 44 -3.32 -23.90 0.50
N PRO A 45 -2.03 -23.91 0.20
CA PRO A 45 -1.26 -25.16 0.28
C PRO A 45 -1.07 -25.62 1.71
N GLU A 46 -0.98 -26.94 1.88
CA GLU A 46 -0.78 -27.56 3.19
C GLU A 46 0.37 -28.55 3.11
N TRP A 47 1.38 -28.34 3.93
CA TRP A 47 2.54 -29.23 3.98
C TRP A 47 2.18 -30.55 4.66
N MET A 48 2.56 -31.67 4.05
CA MET A 48 2.25 -32.99 4.58
C MET A 48 3.43 -33.68 5.24
N GLY A 49 4.66 -33.40 4.82
CA GLY A 49 5.80 -34.11 5.38
C GLY A 49 7.02 -34.02 4.47
N ILE A 50 8.09 -34.66 4.93
CA ILE A 50 9.39 -34.53 4.29
C ILE A 50 10.13 -35.87 4.44
N ILE A 51 10.90 -36.21 3.41
CA ILE A 51 11.81 -37.35 3.46
C ILE A 51 13.22 -36.86 3.12
N ASN A 52 14.21 -37.34 3.88
CA ASN A 52 15.56 -36.83 3.75
C ASN A 52 16.23 -37.43 2.52
N PRO A 53 17.37 -36.89 2.09
CA PRO A 53 17.94 -37.31 0.80
C PRO A 53 18.19 -38.80 0.67
N SER A 54 18.67 -39.45 1.74
CA SER A 54 18.92 -40.89 1.67
C SER A 54 17.66 -41.72 1.73
N GLY A 55 16.56 -41.14 2.22
CA GLY A 55 15.37 -41.90 2.48
C GLY A 55 15.37 -42.62 3.81
N SER A 56 16.41 -42.45 4.63
CA SER A 56 16.47 -43.13 5.92
C SER A 56 15.57 -42.48 6.96
N GLY A 57 15.10 -41.26 6.72
CA GLY A 57 14.32 -40.55 7.72
C GLY A 57 13.17 -39.78 7.09
N THR A 58 12.07 -39.72 7.84
CA THR A 58 10.89 -38.98 7.45
C THR A 58 10.33 -38.25 8.66
N ARG A 59 9.52 -37.22 8.38
CA ARG A 59 8.73 -36.57 9.42
C ARG A 59 7.46 -36.08 8.77
N TYR A 60 6.32 -36.47 9.34
CA TYR A 60 5.01 -36.12 8.79
C TYR A 60 4.34 -35.08 9.66
N ALA A 61 3.56 -34.21 9.01
CA ALA A 61 2.73 -33.28 9.76
C ALA A 61 1.79 -34.07 10.68
N GLN A 62 1.57 -33.55 11.89
CA GLN A 62 0.74 -34.24 12.87
C GLN A 62 -0.63 -34.61 12.31
N LYS A 63 -1.21 -33.72 11.51
CA LYS A 63 -2.54 -34.00 10.94
C LYS A 63 -2.55 -35.25 10.07
N PHE A 64 -1.40 -35.65 9.52
CA PHE A 64 -1.32 -36.81 8.64
C PHE A 64 -0.56 -37.98 9.26
N GLN A 65 -0.09 -37.85 10.49
CA GLN A 65 0.62 -38.95 11.13
C GLN A 65 -0.28 -40.16 11.27
N GLY A 66 0.23 -41.32 10.84
CA GLY A 66 -0.53 -42.54 10.82
C GLY A 66 -1.32 -42.78 9.55
N ARG A 67 -1.44 -41.77 8.70
CA ARG A 67 -2.17 -41.90 7.45
C ARG A 67 -1.29 -41.83 6.21
N VAL A 68 -0.09 -41.28 6.32
CA VAL A 68 0.77 -41.04 5.17
C VAL A 68 2.09 -41.79 5.37
N THR A 69 2.63 -42.30 4.28
CA THR A 69 3.93 -42.95 4.28
C THR A 69 4.72 -42.42 3.08
N MET A 70 5.95 -42.00 3.31
CA MET A 70 6.85 -41.64 2.22
C MET A 70 8.03 -42.61 2.14
N THR A 71 8.38 -42.96 0.90
CA THR A 71 9.50 -43.84 0.61
C THR A 71 10.22 -43.29 -0.61
N ARG A 72 11.47 -43.71 -0.81
CA ARG A 72 12.14 -43.31 -2.04
C ARG A 72 13.01 -44.44 -2.55
N ASP A 73 13.21 -44.43 -3.86
CA ASP A 73 13.99 -45.43 -4.60
C ASP A 73 15.14 -44.68 -5.22
N THR A 74 16.32 -44.74 -4.58
CA THR A 74 17.48 -44.02 -5.07
C THR A 74 17.86 -44.45 -6.48
N SER A 75 17.61 -45.72 -6.82
CA SER A 75 18.01 -46.22 -8.14
C SER A 75 17.26 -45.52 -9.27
N THR A 76 16.02 -45.09 -9.03
CA THR A 76 15.21 -44.46 -10.06
C THR A 76 14.98 -42.97 -9.81
N SER A 77 15.62 -42.41 -8.78
CA SER A 77 15.42 -41.01 -8.39
C SER A 77 13.93 -40.70 -8.21
N THR A 78 13.21 -41.64 -7.62
CA THR A 78 11.76 -41.54 -7.46
C THR A 78 11.38 -41.56 -5.98
N VAL A 79 10.49 -40.66 -5.59
CA VAL A 79 9.95 -40.61 -4.25
C VAL A 79 8.46 -40.94 -4.33
N TYR A 80 7.96 -41.69 -3.35
CA TYR A 80 6.57 -42.12 -3.30
C TYR A 80 5.90 -41.56 -2.05
N MET A 81 4.62 -41.29 -2.16
CA MET A 81 3.79 -40.89 -1.02
C MET A 81 2.51 -41.69 -1.08
N GLU A 82 2.23 -42.43 -0.02
CA GLU A 82 1.00 -43.22 0.07
C GLU A 82 0.13 -42.66 1.19
N LEU A 83 -1.13 -42.38 0.86
CA LEU A 83 -2.13 -41.86 1.78
C LEU A 83 -3.27 -42.86 1.88
N VAL A 84 -3.59 -43.29 3.09
CA VAL A 84 -4.57 -44.36 3.31
C VAL A 84 -5.86 -43.77 3.91
N SER A 85 -6.90 -44.61 3.91
CA SER A 85 -8.19 -44.27 4.52
C SER A 85 -8.73 -42.94 3.96
N LEU A 86 -8.78 -42.87 2.63
CA LEU A 86 -9.08 -41.62 1.96
C LEU A 86 -10.47 -41.11 2.32
N ARG A 87 -10.57 -39.80 2.45
CA ARG A 87 -11.80 -39.11 2.81
C ARG A 87 -12.12 -38.06 1.75
N PHE A 88 -13.38 -37.61 1.74
CA PHE A 88 -13.78 -36.55 0.82
C PHE A 88 -12.85 -35.34 0.90
N GLU A 89 -12.43 -34.97 2.11
CA GLU A 89 -11.54 -33.83 2.30
C GLU A 89 -10.15 -34.05 1.69
N ASP A 90 -9.80 -35.27 1.29
CA ASP A 90 -8.50 -35.51 0.68
C ASP A 90 -8.47 -35.19 -0.81
N THR A 91 -9.62 -34.84 -1.40
CA THR A 91 -9.63 -34.37 -2.78
C THR A 91 -8.82 -33.08 -2.87
N ALA A 92 -7.76 -33.12 -3.68
CA ALA A 92 -6.81 -32.02 -3.72
C ALA A 92 -5.80 -32.28 -4.83
N VAL A 93 -5.06 -31.24 -5.18
CA VAL A 93 -3.87 -31.37 -6.00
C VAL A 93 -2.69 -31.61 -5.06
N TYR A 94 -1.93 -32.67 -5.34
CA TYR A 94 -0.81 -33.06 -4.50
C TYR A 94 0.49 -32.74 -5.23
N TYR A 95 1.36 -31.97 -4.57
CA TYR A 95 2.64 -31.56 -5.13
C TYR A 95 3.78 -32.23 -4.38
N CYS A 96 4.86 -32.52 -5.10
CA CYS A 96 6.14 -32.73 -4.47
C CYS A 96 7.03 -31.52 -4.71
N ALA A 97 7.94 -31.27 -3.76
CA ALA A 97 8.86 -30.15 -3.86
C ALA A 97 10.19 -30.56 -3.27
N GLY A 98 11.27 -29.93 -3.75
CA GLY A 98 12.60 -30.35 -3.37
C GLY A 98 13.42 -29.32 -2.62
N ASP A 99 14.45 -29.81 -1.92
CA ASP A 99 15.43 -29.01 -1.18
C ASP A 99 14.85 -28.44 0.11
N TYR A 100 15.69 -27.66 0.82
CA TYR A 100 15.38 -27.24 2.17
C TYR A 100 14.17 -26.31 2.23
N TYR A 101 13.97 -25.46 1.21
CA TYR A 101 12.95 -24.43 1.28
C TYR A 101 11.87 -24.61 0.21
N LEU A 102 11.68 -25.84 -0.26
CA LEU A 102 10.75 -26.14 -1.35
C LEU A 102 11.08 -25.25 -2.55
N ASP A 103 12.34 -25.39 -2.99
CA ASP A 103 12.95 -24.51 -3.97
C ASP A 103 12.44 -24.77 -5.38
N TYR A 104 12.00 -25.99 -5.65
CA TYR A 104 11.48 -26.38 -6.96
C TYR A 104 10.38 -27.41 -6.76
N TRP A 105 9.44 -27.45 -7.70
CA TRP A 105 8.17 -28.12 -7.52
C TRP A 105 7.82 -28.98 -8.72
N GLY A 106 7.14 -30.11 -8.44
CA GLY A 106 6.50 -30.87 -9.47
C GLY A 106 5.26 -30.17 -9.98
N GLN A 107 4.64 -30.77 -11.00
CA GLN A 107 3.50 -30.13 -11.65
C GLN A 107 2.18 -30.37 -10.92
N GLY A 108 2.17 -31.26 -9.92
CA GLY A 108 0.95 -31.58 -9.21
C GLY A 108 0.23 -32.78 -9.79
N THR A 109 -0.42 -33.53 -8.90
CA THR A 109 -1.26 -34.66 -9.27
C THR A 109 -2.63 -34.47 -8.63
N LEU A 110 -3.69 -34.46 -9.45
CA LEU A 110 -5.04 -34.38 -8.92
C LEU A 110 -5.47 -35.74 -8.40
N VAL A 111 -5.99 -35.77 -7.17
CA VAL A 111 -6.58 -36.96 -6.59
C VAL A 111 -8.01 -36.62 -6.20
N THR A 112 -8.98 -37.35 -6.75
CA THR A 112 -10.37 -37.16 -6.40
C THR A 112 -10.85 -38.36 -5.58
N VAL A 113 -11.44 -38.08 -4.43
CA VAL A 113 -11.97 -39.10 -3.54
C VAL A 113 -13.49 -38.99 -3.57
N SER A 114 -14.15 -40.02 -4.11
CA SER A 114 -15.58 -39.95 -4.37
C SER A 114 -16.09 -41.34 -4.74
N SER A 115 -17.36 -41.58 -4.44
CA SER A 115 -18.03 -42.81 -4.85
C SER A 115 -18.61 -42.73 -6.26
N ALA A 116 -18.53 -41.58 -6.91
CA ALA A 116 -19.14 -41.41 -8.22
C ALA A 116 -18.35 -42.17 -9.29
N SER A 117 -19.04 -42.51 -10.37
CA SER A 117 -18.45 -43.21 -11.50
C SER A 117 -18.14 -42.22 -12.61
N THR A 118 -17.14 -42.55 -13.44
CA THR A 118 -16.80 -41.72 -14.59
C THR A 118 -18.01 -41.49 -15.47
N LYS A 119 -18.27 -40.23 -15.78
CA LYS A 119 -19.48 -39.85 -16.48
C LYS A 119 -19.15 -38.62 -17.32
N GLY A 120 -19.45 -38.69 -18.62
CA GLY A 120 -19.22 -37.59 -19.51
C GLY A 120 -20.27 -36.52 -19.34
N PRO A 121 -19.93 -35.28 -19.70
CA PRO A 121 -20.87 -34.18 -19.48
C PRO A 121 -22.00 -34.15 -20.50
N SER A 122 -23.15 -33.69 -20.03
CA SER A 122 -24.24 -33.28 -20.90
C SER A 122 -24.13 -31.79 -21.17
N VAL A 123 -24.05 -31.40 -22.44
CA VAL A 123 -23.79 -30.02 -22.84
C VAL A 123 -25.08 -29.42 -23.37
N PHE A 124 -25.53 -28.33 -22.75
CA PHE A 124 -26.77 -27.67 -23.10
C PHE A 124 -26.51 -26.23 -23.52
N PRO A 125 -27.31 -25.70 -24.45
CA PRO A 125 -27.08 -24.31 -24.88
C PRO A 125 -27.58 -23.31 -23.86
N LEU A 126 -26.83 -22.21 -23.71
CA LEU A 126 -27.29 -21.02 -23.04
C LEU A 126 -27.60 -20.03 -24.16
N ALA A 127 -28.87 -20.02 -24.60
CA ALA A 127 -29.20 -19.33 -25.84
C ALA A 127 -29.26 -17.82 -25.62
N PRO A 128 -28.81 -17.02 -26.60
CA PRO A 128 -28.87 -15.56 -26.47
C PRO A 128 -30.30 -15.03 -26.48
N SER A 132 -31.45 -8.41 -25.84
CA SER A 132 -31.11 -7.51 -26.94
C SER A 132 -29.85 -6.70 -26.64
N THR A 133 -29.93 -5.83 -25.62
CA THR A 133 -28.84 -5.04 -25.03
C THR A 133 -28.64 -3.67 -25.70
N SER A 134 -28.35 -2.66 -24.88
CA SER A 134 -28.25 -1.28 -25.36
C SER A 134 -27.08 -1.09 -26.32
N GLY A 135 -25.96 -1.76 -26.04
CA GLY A 135 -24.81 -1.67 -26.93
C GLY A 135 -24.81 -2.67 -28.06
N GLY A 136 -25.86 -3.47 -28.17
CA GLY A 136 -25.93 -4.50 -29.20
C GLY A 136 -25.10 -5.72 -28.88
N THR A 137 -24.94 -6.05 -27.61
CA THR A 137 -24.08 -7.15 -27.16
C THR A 137 -24.95 -8.29 -26.62
N ALA A 138 -24.81 -9.47 -27.19
CA ALA A 138 -25.55 -10.65 -26.74
C ALA A 138 -24.61 -11.59 -26.00
N ALA A 139 -25.14 -12.22 -24.97
CA ALA A 139 -24.42 -13.26 -24.23
C ALA A 139 -25.00 -14.62 -24.59
N LEU A 140 -24.12 -15.58 -24.87
CA LEU A 140 -24.53 -16.96 -25.10
C LEU A 140 -23.50 -17.87 -24.44
N GLY A 141 -23.84 -19.15 -24.33
CA GLY A 141 -22.88 -20.06 -23.74
C GLY A 141 -23.31 -21.50 -23.80
N CYS A 142 -22.54 -22.33 -23.11
CA CYS A 142 -22.82 -23.75 -22.96
C CYS A 142 -22.82 -24.10 -21.48
N LEU A 143 -23.83 -24.86 -21.06
CA LEU A 143 -23.88 -25.41 -19.71
C LEU A 143 -23.35 -26.84 -19.77
N VAL A 144 -22.28 -27.10 -19.03
CA VAL A 144 -21.57 -28.37 -19.05
C VAL A 144 -21.88 -29.06 -17.72
N LYS A 145 -22.83 -30.00 -17.74
CA LYS A 145 -23.47 -30.46 -16.51
C LYS A 145 -23.24 -31.95 -16.29
N ASP A 146 -23.11 -32.32 -15.01
CA ASP A 146 -23.16 -33.72 -14.55
C ASP A 146 -22.03 -34.56 -15.16
N TYR A 147 -20.79 -34.16 -14.86
CA TYR A 147 -19.64 -34.95 -15.25
C TYR A 147 -18.80 -35.28 -14.03
N PHE A 148 -17.94 -36.28 -14.19
CA PHE A 148 -17.04 -36.71 -13.12
C PHE A 148 -15.93 -37.54 -13.74
N PRO A 149 -14.67 -37.37 -13.31
CA PRO A 149 -14.25 -36.35 -12.37
C PRO A 149 -13.81 -35.07 -13.08
N GLU A 150 -13.22 -34.13 -12.33
CA GLU A 150 -12.51 -33.03 -12.96
C GLU A 150 -11.31 -33.58 -13.72
N PRO A 151 -10.81 -32.86 -14.73
CA PRO A 151 -11.25 -31.58 -15.28
C PRO A 151 -11.94 -31.70 -16.64
N VAL A 152 -12.59 -30.62 -17.07
CA VAL A 152 -13.08 -30.50 -18.44
C VAL A 152 -12.42 -29.29 -19.06
N THR A 153 -12.32 -29.30 -20.39
CA THR A 153 -11.81 -28.19 -21.17
C THR A 153 -12.92 -27.70 -22.09
N VAL A 154 -13.01 -26.38 -22.28
CA VAL A 154 -13.97 -25.78 -23.19
C VAL A 154 -13.25 -24.79 -24.08
N SER A 155 -13.48 -24.88 -25.39
CA SER A 155 -13.06 -23.86 -26.35
C SER A 155 -14.27 -23.48 -27.20
N TRP A 156 -14.13 -22.40 -27.97
CA TRP A 156 -15.19 -21.90 -28.82
C TRP A 156 -14.70 -21.79 -30.25
N ASN A 157 -15.48 -22.32 -31.19
CA ASN A 157 -15.12 -22.30 -32.62
C ASN A 157 -13.73 -22.88 -32.84
N SER A 158 -13.44 -23.99 -32.14
CA SER A 158 -12.18 -24.72 -32.28
C SER A 158 -10.99 -23.82 -31.99
N GLY A 159 -11.14 -22.92 -31.01
CA GLY A 159 -10.09 -22.02 -30.63
C GLY A 159 -10.06 -20.70 -31.38
N ALA A 160 -10.92 -20.53 -32.39
CA ALA A 160 -10.91 -19.29 -33.15
C ALA A 160 -11.47 -18.13 -32.33
N LEU A 161 -12.44 -18.40 -31.47
CA LEU A 161 -13.09 -17.40 -30.64
C LEU A 161 -12.53 -17.48 -29.23
N THR A 162 -11.77 -16.46 -28.83
CA THR A 162 -11.23 -16.37 -27.48
C THR A 162 -11.59 -15.07 -26.77
N SER A 163 -11.88 -14.00 -27.51
CA SER A 163 -12.19 -12.72 -26.90
C SER A 163 -13.60 -12.74 -26.31
N GLY A 164 -13.72 -12.28 -25.07
CA GLY A 164 -14.99 -12.25 -24.39
C GLY A 164 -15.46 -13.58 -23.84
N VAL A 165 -14.62 -14.61 -23.88
CA VAL A 165 -14.98 -15.92 -23.37
C VAL A 165 -14.70 -15.96 -21.87
N HIS A 166 -15.65 -16.49 -21.10
CA HIS A 166 -15.46 -16.77 -19.68
C HIS A 166 -15.93 -18.18 -19.41
N THR A 167 -15.01 -19.06 -19.03
CA THR A 167 -15.33 -20.43 -18.65
C THR A 167 -15.19 -20.50 -17.13
N PHE A 168 -16.30 -20.72 -16.44
CA PHE A 168 -16.26 -20.61 -14.99
C PHE A 168 -15.64 -21.86 -14.34
N PRO A 169 -15.04 -21.70 -13.18
CA PRO A 169 -14.62 -22.86 -12.39
C PRO A 169 -15.83 -23.76 -12.11
N ALA A 170 -15.57 -25.07 -12.10
CA ALA A 170 -16.63 -26.02 -11.83
C ALA A 170 -17.08 -25.93 -10.38
N VAL A 171 -18.32 -26.33 -10.14
CA VAL A 171 -18.85 -26.49 -8.79
C VAL A 171 -19.20 -27.96 -8.61
N LEU A 172 -18.98 -28.47 -7.41
CA LEU A 172 -19.36 -29.83 -7.07
C LEU A 172 -20.79 -29.80 -6.56
N GLN A 173 -21.69 -30.44 -7.29
CA GLN A 173 -23.10 -30.47 -6.92
C GLN A 173 -23.33 -31.51 -5.82
N SER A 174 -24.50 -31.41 -5.17
CA SER A 174 -24.84 -32.39 -4.14
C SER A 174 -25.02 -33.79 -4.70
N SER A 175 -25.16 -33.94 -6.01
CA SER A 175 -25.15 -35.25 -6.65
C SER A 175 -23.79 -35.92 -6.63
N GLY A 176 -22.73 -35.18 -6.28
CA GLY A 176 -21.38 -35.69 -6.45
C GLY A 176 -20.82 -35.52 -7.83
N LEU A 177 -21.53 -34.84 -8.72
CA LEU A 177 -21.08 -34.58 -10.09
C LEU A 177 -20.75 -33.10 -10.22
N TYR A 178 -19.88 -32.78 -11.17
CA TYR A 178 -19.46 -31.40 -11.38
C TYR A 178 -20.29 -30.75 -12.48
N SER A 179 -20.39 -29.42 -12.40
CA SER A 179 -21.07 -28.65 -13.43
C SER A 179 -20.36 -27.31 -13.59
N LEU A 180 -20.36 -26.79 -14.80
CA LEU A 180 -19.85 -25.46 -15.07
C LEU A 180 -20.55 -24.90 -16.30
N SER A 181 -20.42 -23.58 -16.49
CA SER A 181 -20.85 -22.92 -17.71
C SER A 181 -19.67 -22.19 -18.34
N SER A 182 -19.68 -22.13 -19.67
CA SER A 182 -18.79 -21.25 -20.41
C SER A 182 -19.67 -20.26 -21.18
N VAL A 183 -19.33 -18.98 -21.12
CA VAL A 183 -20.12 -17.95 -21.78
C VAL A 183 -19.21 -17.08 -22.64
N VAL A 184 -19.82 -16.44 -23.64
CA VAL A 184 -19.12 -15.51 -24.51
C VAL A 184 -20.09 -14.39 -24.88
N THR A 185 -19.59 -13.16 -24.93
CA THR A 185 -20.37 -12.03 -25.39
C THR A 185 -19.99 -11.72 -26.83
N VAL A 186 -21.00 -11.50 -27.67
CA VAL A 186 -20.80 -11.29 -29.10
C VAL A 186 -21.64 -10.08 -29.51
N PRO A 187 -21.33 -9.49 -30.66
CA PRO A 187 -22.25 -8.51 -31.23
C PRO A 187 -23.57 -9.17 -31.56
N SER A 188 -24.67 -8.57 -31.08
CA SER A 188 -25.99 -9.09 -31.42
C SER A 188 -26.22 -9.11 -32.92
N SER A 189 -25.51 -8.24 -33.65
CA SER A 189 -25.59 -8.23 -35.11
C SER A 189 -24.93 -9.44 -35.75
N SER A 190 -24.03 -10.12 -35.04
CA SER A 190 -23.38 -11.31 -35.58
C SER A 190 -24.21 -12.57 -35.42
N LEU A 191 -25.34 -12.51 -34.72
CA LEU A 191 -26.15 -13.70 -34.47
C LEU A 191 -26.79 -14.28 -35.73
N GLY A 192 -26.64 -13.62 -36.87
CA GLY A 192 -27.16 -14.14 -38.13
C GLY A 192 -26.06 -14.41 -39.13
N THR A 193 -24.84 -13.94 -38.83
CA THR A 193 -23.69 -14.10 -39.71
C THR A 193 -22.71 -15.14 -39.21
N GLN A 194 -22.45 -15.19 -37.91
CA GLN A 194 -21.44 -16.07 -37.35
C GLN A 194 -22.09 -17.28 -36.66
N THR A 195 -21.41 -18.42 -36.75
CA THR A 195 -21.81 -19.64 -36.05
C THR A 195 -21.00 -19.74 -34.76
N TYR A 196 -21.65 -20.22 -33.71
CA TYR A 196 -21.03 -20.30 -32.38
C TYR A 196 -21.15 -21.72 -31.84
N ILE A 197 -20.00 -22.40 -31.70
CA ILE A 197 -19.93 -23.79 -31.28
C ILE A 197 -18.95 -23.88 -30.11
N CYS A 198 -19.39 -24.47 -29.00
CA CYS A 198 -18.49 -24.72 -27.88
C CYS A 198 -17.94 -26.14 -28.00
N ASN A 199 -16.64 -26.27 -27.86
CA ASN A 199 -15.97 -27.57 -27.95
C ASN A 199 -15.63 -28.03 -26.53
N VAL A 200 -16.28 -29.08 -26.07
CA VAL A 200 -16.12 -29.59 -24.71
C VAL A 200 -15.35 -30.89 -24.77
N ASN A 201 -14.27 -30.97 -23.99
CA ASN A 201 -13.43 -32.16 -23.92
C ASN A 201 -13.30 -32.60 -22.47
N HIS A 202 -13.81 -33.80 -22.18
CA HIS A 202 -13.68 -34.43 -20.87
C HIS A 202 -12.82 -35.67 -21.09
N LYS A 203 -11.51 -35.50 -20.92
CA LYS A 203 -10.58 -36.59 -21.17
C LYS A 203 -10.78 -37.81 -20.27
N PRO A 204 -11.13 -37.67 -18.98
CA PRO A 204 -11.33 -38.89 -18.16
C PRO A 204 -12.38 -39.85 -18.70
N SER A 205 -13.36 -39.36 -19.47
CA SER A 205 -14.36 -40.22 -20.08
C SER A 205 -14.21 -40.33 -21.58
N ASN A 206 -13.14 -39.76 -22.15
CA ASN A 206 -12.92 -39.75 -23.60
C ASN A 206 -14.14 -39.20 -24.33
N THR A 207 -14.74 -38.16 -23.77
CA THR A 207 -15.94 -37.56 -24.32
C THR A 207 -15.57 -36.21 -24.93
N LYS A 208 -15.85 -36.06 -26.23
CA LYS A 208 -15.66 -34.79 -26.93
C LYS A 208 -17.01 -34.41 -27.54
N VAL A 209 -17.54 -33.26 -27.13
CA VAL A 209 -18.85 -32.80 -27.57
C VAL A 209 -18.68 -31.41 -28.21
N ASP A 210 -19.25 -31.25 -29.39
CA ASP A 210 -19.36 -29.95 -30.05
C ASP A 210 -20.83 -29.57 -30.07
N LYS A 211 -21.13 -28.37 -29.56
CA LYS A 211 -22.51 -27.93 -29.43
C LYS A 211 -22.67 -26.56 -30.07
N LYS A 212 -23.54 -26.47 -31.06
CA LYS A 212 -23.78 -25.23 -31.78
C LYS A 212 -24.89 -24.46 -31.04
N VAL A 213 -24.59 -23.23 -30.63
CA VAL A 213 -25.49 -22.45 -29.79
C VAL A 213 -26.22 -21.45 -30.68
N GLU A 214 -27.55 -21.53 -30.69
CA GLU A 214 -28.38 -20.68 -31.55
C GLU A 214 -29.40 -19.90 -30.75
N PRO A 215 -29.82 -18.74 -31.26
CA PRO A 215 -31.00 -18.06 -30.71
C PRO A 215 -32.20 -19.00 -30.73
N LYS A 216 -32.99 -18.94 -29.66
CA LYS A 216 -34.16 -19.80 -29.53
C LYS A 216 -35.40 -19.15 -30.13
N GLU B 1 2.13 -27.48 13.75
CA GLU B 1 1.70 -26.41 12.86
C GLU B 1 1.72 -25.05 13.58
N PHE B 2 2.39 -24.08 12.96
CA PHE B 2 2.48 -22.73 13.49
C PHE B 2 1.17 -21.97 13.20
N VAL B 3 1.00 -20.82 13.84
CA VAL B 3 -0.22 -20.03 13.71
C VAL B 3 0.14 -18.68 13.12
N LEU B 4 -0.38 -18.40 11.92
CA LEU B 4 0.00 -17.23 11.14
C LEU B 4 -1.22 -16.50 10.62
N THR B 5 -1.13 -15.18 10.55
CA THR B 5 -2.15 -14.35 9.91
C THR B 5 -1.47 -13.47 8.86
N GLN B 6 -2.19 -13.17 7.78
CA GLN B 6 -1.67 -12.29 6.74
C GLN B 6 -2.65 -11.15 6.48
N SER B 7 -2.13 -9.93 6.43
CA SER B 7 -2.94 -8.76 6.16
C SER B 7 -2.35 -7.96 5.01
N PRO B 8 -3.20 -7.34 4.19
CA PRO B 8 -4.66 -7.54 4.21
C PRO B 8 -5.01 -8.84 3.50
N GLY B 9 -6.26 -9.29 3.57
CA GLY B 9 -6.65 -10.46 2.79
C GLY B 9 -6.51 -10.23 1.29
N THR B 10 -6.86 -9.02 0.85
CA THR B 10 -6.73 -8.63 -0.54
C THR B 10 -6.11 -7.24 -0.61
N LEU B 11 -5.09 -7.10 -1.46
CA LEU B 11 -4.42 -5.84 -1.72
C LEU B 11 -4.73 -5.44 -3.16
N SER B 12 -5.34 -4.27 -3.35
CA SER B 12 -5.74 -3.81 -4.68
C SER B 12 -4.85 -2.63 -5.06
N LEU B 13 -4.02 -2.84 -6.07
CA LEU B 13 -2.99 -1.87 -6.44
C LEU B 13 -2.86 -1.82 -7.96
N SER B 14 -2.24 -0.76 -8.45
CA SER B 14 -2.00 -0.61 -9.88
C SER B 14 -0.58 -1.02 -10.23
N PRO B 15 -0.34 -1.43 -11.48
CA PRO B 15 1.04 -1.70 -11.91
C PRO B 15 1.93 -0.50 -11.70
N GLY B 16 3.13 -0.75 -11.20
CA GLY B 16 4.09 0.28 -10.88
C GLY B 16 4.09 0.71 -9.42
N GLU B 17 3.04 0.36 -8.67
CA GLU B 17 2.95 0.79 -7.29
C GLU B 17 3.70 -0.17 -6.38
N ARG B 18 4.04 0.31 -5.18
CA ARG B 18 4.72 -0.52 -4.21
C ARG B 18 3.69 -1.33 -3.42
N ALA B 19 3.97 -2.61 -3.23
CA ALA B 19 3.09 -3.50 -2.47
C ALA B 19 3.80 -3.92 -1.19
N THR B 20 3.11 -3.81 -0.06
CA THR B 20 3.65 -4.24 1.23
C THR B 20 2.70 -5.26 1.83
N LEU B 21 3.18 -6.48 2.01
CA LEU B 21 2.39 -7.59 2.52
C LEU B 21 2.93 -7.97 3.90
N SER B 22 2.01 -8.20 4.84
CA SER B 22 2.40 -8.47 6.23
C SER B 22 2.04 -9.90 6.61
N CYS B 23 2.92 -10.50 7.41
CA CYS B 23 2.66 -11.78 8.05
C CYS B 23 2.98 -11.67 9.53
N ARG B 24 2.06 -12.15 10.36
CA ARG B 24 2.15 -12.07 11.81
C ARG B 24 1.99 -13.45 12.41
N ALA B 25 2.93 -13.85 13.25
CA ALA B 25 2.85 -15.12 13.96
C ALA B 25 2.29 -14.90 15.35
N SER B 26 1.61 -15.93 15.88
CA SER B 26 1.04 -15.82 17.22
C SER B 26 2.13 -15.67 18.27
N GLN B 27 3.27 -16.35 18.07
CA GLN B 27 4.40 -16.28 18.97
C GLN B 27 5.65 -15.95 18.15
N SER B 28 6.67 -15.40 18.82
CA SER B 28 7.91 -15.02 18.15
C SER B 28 8.43 -16.16 17.30
N VAL B 29 8.74 -15.85 16.05
CA VAL B 29 9.22 -16.84 15.09
C VAL B 29 10.64 -17.23 15.44
N THR B 30 10.82 -18.46 15.92
CA THR B 30 12.14 -18.96 16.27
C THR B 30 13.09 -18.86 15.09
N SER B 31 14.21 -18.16 15.30
CA SER B 31 15.32 -18.06 14.36
C SER B 31 14.96 -17.37 13.06
N ASN B 32 13.83 -16.64 13.02
CA ASN B 32 13.39 -15.92 11.82
C ASN B 32 13.22 -16.88 10.64
N TYR B 33 12.75 -18.08 10.95
CA TYR B 33 12.52 -19.10 9.91
C TYR B 33 11.19 -18.78 9.22
N LEU B 34 11.22 -17.76 8.37
CA LEU B 34 9.98 -17.30 7.72
C LEU B 34 10.25 -17.16 6.22
N ALA B 35 9.44 -17.82 5.41
CA ALA B 35 9.60 -17.78 3.95
C ALA B 35 8.35 -17.20 3.28
N TRP B 36 8.50 -16.85 2.01
CA TRP B 36 7.42 -16.28 1.22
C TRP B 36 7.32 -16.99 -0.11
N TYR B 37 6.08 -17.28 -0.53
CA TYR B 37 5.81 -17.97 -1.78
C TYR B 37 4.80 -17.18 -2.59
N GLN B 38 4.93 -17.29 -3.92
CA GLN B 38 3.99 -16.72 -4.86
C GLN B 38 3.24 -17.86 -5.52
N GLN B 39 1.93 -17.69 -5.75
CA GLN B 39 1.19 -18.71 -6.50
C GLN B 39 0.19 -18.06 -7.43
N LYS B 40 0.22 -18.47 -8.70
CA LYS B 40 -0.74 -18.08 -9.71
C LYS B 40 -1.70 -19.23 -9.99
N PRO B 41 -2.89 -18.95 -10.53
CA PRO B 41 -3.84 -20.04 -10.81
C PRO B 41 -3.26 -21.09 -11.76
N GLY B 42 -3.51 -22.34 -11.43
CA GLY B 42 -3.06 -23.45 -12.25
C GLY B 42 -1.59 -23.76 -12.19
N GLN B 43 -0.86 -23.22 -11.20
CA GLN B 43 0.58 -23.42 -11.08
C GLN B 43 0.93 -23.78 -9.65
N ALA B 44 2.08 -24.43 -9.48
CA ALA B 44 2.61 -24.67 -8.15
C ALA B 44 3.10 -23.37 -7.52
N PRO B 45 3.18 -23.31 -6.19
CA PRO B 45 3.83 -22.17 -5.54
C PRO B 45 5.28 -22.03 -5.98
N ARG B 46 5.81 -20.83 -5.80
CA ARG B 46 7.17 -20.49 -6.19
C ARG B 46 7.85 -19.81 -5.01
N LEU B 47 9.01 -20.33 -4.60
CA LEU B 47 9.73 -19.71 -3.49
C LEU B 47 10.28 -18.34 -3.88
N LEU B 48 10.02 -17.33 -3.04
CA LEU B 48 10.55 -15.98 -3.23
C LEU B 48 11.66 -15.65 -2.24
N ILE B 49 11.40 -15.86 -0.95
CA ILE B 49 12.26 -15.44 0.15
C ILE B 49 12.31 -16.57 1.16
N PHE B 50 13.49 -16.80 1.73
CA PHE B 50 13.64 -17.68 2.88
C PHE B 50 14.45 -16.96 3.94
N GLY B 51 14.40 -17.49 5.16
CA GLY B 51 15.13 -16.91 6.27
C GLY B 51 14.83 -15.44 6.49
N ALA B 52 13.56 -15.06 6.28
CA ALA B 52 13.03 -13.71 6.47
C ALA B 52 13.46 -12.72 5.38
N SER B 53 14.71 -12.79 4.92
CA SER B 53 15.21 -11.75 4.02
C SER B 53 16.05 -12.25 2.84
N SER B 54 16.34 -13.54 2.73
CA SER B 54 17.20 -14.04 1.67
C SER B 54 16.37 -14.30 0.41
N ARG B 55 16.75 -13.68 -0.69
CA ARG B 55 16.05 -13.86 -1.95
C ARG B 55 16.48 -15.17 -2.60
N ALA B 56 15.51 -15.97 -3.06
CA ALA B 56 15.85 -17.22 -3.71
C ALA B 56 16.48 -16.94 -5.08
N THR B 57 17.28 -17.89 -5.55
CA THR B 57 17.97 -17.71 -6.82
C THR B 57 16.98 -17.49 -7.95
N GLY B 58 17.29 -16.50 -8.80
CA GLY B 58 16.46 -16.18 -9.94
C GLY B 58 15.29 -15.25 -9.67
N ILE B 59 15.08 -14.85 -8.42
CA ILE B 59 13.95 -13.98 -8.07
C ILE B 59 14.36 -12.52 -8.30
N PRO B 60 13.50 -11.70 -8.91
CA PRO B 60 13.87 -10.32 -9.22
C PRO B 60 14.19 -9.50 -7.98
N ASP B 61 15.02 -8.47 -8.18
CA ASP B 61 15.43 -7.60 -7.09
C ASP B 61 14.27 -6.80 -6.49
N ARG B 62 13.17 -6.64 -7.22
CA ARG B 62 12.06 -5.87 -6.68
C ARG B 62 11.36 -6.59 -5.52
N PHE B 63 11.62 -7.88 -5.32
CA PHE B 63 11.09 -8.61 -4.17
C PHE B 63 12.11 -8.55 -3.03
N SER B 64 11.65 -8.12 -1.85
CA SER B 64 12.51 -8.06 -0.68
C SER B 64 11.70 -8.38 0.56
N GLY B 65 12.37 -8.96 1.55
CA GLY B 65 11.72 -9.31 2.81
C GLY B 65 12.53 -8.83 3.99
N SER B 66 11.82 -8.55 5.09
CA SER B 66 12.40 -8.03 6.31
C SER B 66 11.47 -8.38 7.46
N GLY B 67 12.03 -8.59 8.64
CA GLY B 67 11.21 -8.83 9.81
C GLY B 67 11.97 -9.53 10.90
N SER B 68 11.32 -9.59 12.07
CA SER B 68 11.86 -10.24 13.27
C SER B 68 10.73 -10.36 14.28
N GLY B 69 10.92 -11.22 15.26
CA GLY B 69 9.92 -11.40 16.30
C GLY B 69 8.64 -12.02 15.76
N THR B 70 7.54 -11.27 15.83
CA THR B 70 6.26 -11.74 15.31
C THR B 70 5.88 -11.13 13.97
N ASP B 71 6.58 -10.09 13.50
CA ASP B 71 6.10 -9.27 12.41
C ASP B 71 7.08 -9.34 11.24
N PHE B 72 6.59 -9.79 10.08
CA PHE B 72 7.42 -9.94 8.89
C PHE B 72 6.71 -9.35 7.69
N THR B 73 7.50 -8.81 6.76
CA THR B 73 6.97 -8.11 5.60
C THR B 73 7.63 -8.60 4.32
N LEU B 74 6.84 -8.67 3.26
CA LEU B 74 7.32 -8.84 1.89
C LEU B 74 6.98 -7.57 1.11
N THR B 75 7.99 -6.93 0.54
CA THR B 75 7.78 -5.73 -0.25
C THR B 75 8.07 -6.01 -1.71
N ILE B 76 7.16 -5.61 -2.59
CA ILE B 76 7.39 -5.59 -4.03
C ILE B 76 7.54 -4.12 -4.42
N SER B 77 8.76 -3.72 -4.78
CA SER B 77 9.07 -2.30 -4.88
C SER B 77 8.24 -1.61 -5.96
N ARG B 78 8.01 -2.29 -7.07
CA ARG B 78 7.17 -1.78 -8.16
C ARG B 78 6.48 -2.98 -8.79
N LEU B 79 5.16 -2.98 -8.77
CA LEU B 79 4.41 -4.13 -9.26
C LEU B 79 4.49 -4.22 -10.78
N GLU B 80 4.92 -5.37 -11.28
CA GLU B 80 4.84 -5.65 -12.70
C GLU B 80 3.59 -6.47 -12.97
N PRO B 81 3.10 -6.49 -14.22
CA PRO B 81 1.88 -7.27 -14.51
C PRO B 81 1.95 -8.72 -14.07
N GLU B 82 3.13 -9.34 -14.15
CA GLU B 82 3.29 -10.72 -13.75
C GLU B 82 3.27 -10.91 -12.24
N ASP B 83 3.23 -9.83 -11.45
CA ASP B 83 3.30 -9.92 -9.99
C ASP B 83 1.93 -10.05 -9.32
N PHE B 84 0.83 -9.91 -10.06
CA PHE B 84 -0.47 -10.04 -9.45
C PHE B 84 -0.80 -11.52 -9.31
N ALA B 85 -0.98 -11.95 -8.06
CA ALA B 85 -0.98 -13.36 -7.69
C ALA B 85 -1.32 -13.45 -6.21
N VAL B 86 -1.32 -14.67 -5.66
CA VAL B 86 -1.51 -14.87 -4.23
C VAL B 86 -0.14 -15.11 -3.62
N TYR B 87 0.07 -14.57 -2.42
CA TYR B 87 1.34 -14.66 -1.74
C TYR B 87 1.12 -15.30 -0.37
N TYR B 88 1.88 -16.36 -0.08
CA TYR B 88 1.79 -17.06 1.19
C TYR B 88 3.09 -16.85 1.95
N CYS B 89 2.99 -16.43 3.22
CA CYS B 89 4.13 -16.62 4.08
C CYS B 89 4.15 -18.06 4.59
N GLN B 90 5.25 -18.44 5.24
CA GLN B 90 5.38 -19.79 5.75
C GLN B 90 6.40 -19.82 6.86
N GLN B 91 6.01 -20.33 8.03
CA GLN B 91 6.96 -20.54 9.13
C GLN B 91 7.46 -21.98 9.08
N TYR B 92 8.75 -22.15 9.29
CA TYR B 92 9.32 -23.49 9.28
C TYR B 92 10.22 -23.69 10.51
N GLY B 93 10.51 -24.96 10.81
CA GLY B 93 11.31 -25.30 11.97
C GLY B 93 11.99 -26.63 11.76
N SER B 94 13.02 -26.88 12.57
CA SER B 94 13.90 -28.02 12.34
C SER B 94 13.71 -29.18 13.30
N SER B 95 13.19 -28.95 14.50
CA SER B 95 13.09 -30.01 15.51
C SER B 95 11.77 -29.88 16.27
N PRO B 96 10.72 -30.58 15.82
CA PRO B 96 10.78 -31.45 14.63
C PRO B 96 10.58 -30.66 13.34
N PRO B 97 10.93 -31.25 12.19
CA PRO B 97 10.66 -30.57 10.92
C PRO B 97 9.19 -30.22 10.80
N MET B 98 8.93 -28.97 10.43
CA MET B 98 7.58 -28.44 10.38
C MET B 98 7.60 -27.25 9.44
N TYR B 99 6.69 -27.25 8.47
CA TYR B 99 6.52 -26.14 7.54
C TYR B 99 5.04 -25.83 7.52
N THR B 100 4.68 -24.58 7.81
CA THR B 100 3.28 -24.19 7.92
C THR B 100 3.02 -22.97 7.04
N PHE B 101 2.21 -23.14 6.01
CA PHE B 101 1.84 -22.03 5.14
C PHE B 101 0.80 -21.14 5.81
N GLY B 102 0.94 -19.84 5.62
CA GLY B 102 -0.03 -18.89 6.07
C GLY B 102 -1.28 -18.91 5.20
N PRO B 103 -2.26 -18.09 5.58
CA PRO B 103 -3.55 -18.10 4.86
C PRO B 103 -3.52 -17.39 3.52
N GLY B 104 -2.54 -16.54 3.26
CA GLY B 104 -2.40 -15.96 1.94
C GLY B 104 -2.99 -14.57 1.82
N THR B 105 -2.35 -13.75 0.98
CA THR B 105 -2.85 -12.43 0.58
C THR B 105 -2.92 -12.40 -0.95
N LYS B 106 -4.08 -12.03 -1.48
CA LYS B 106 -4.22 -11.87 -2.91
C LYS B 106 -3.90 -10.44 -3.30
N VAL B 107 -2.99 -10.27 -4.25
CA VAL B 107 -2.67 -8.97 -4.81
C VAL B 107 -3.37 -8.88 -6.16
N GLU B 108 -4.42 -8.06 -6.23
CA GLU B 108 -5.23 -7.90 -7.42
C GLU B 108 -4.98 -6.52 -8.04
N ILE B 109 -5.41 -6.38 -9.29
CA ILE B 109 -5.27 -5.13 -10.01
C ILE B 109 -6.45 -4.23 -9.66
N LYS B 110 -6.16 -3.03 -9.16
CA LYS B 110 -7.19 -2.04 -8.94
C LYS B 110 -7.49 -1.32 -10.25
N ARG B 111 -8.77 -1.11 -10.52
CA ARG B 111 -9.21 -0.42 -11.70
C ARG B 111 -10.44 0.41 -11.34
N THR B 112 -10.94 1.16 -12.30
CA THR B 112 -12.15 1.94 -12.07
C THR B 112 -13.34 1.00 -11.86
N VAL B 113 -14.30 1.46 -11.05
CA VAL B 113 -15.50 0.68 -10.79
C VAL B 113 -16.21 0.40 -12.10
N ALA B 114 -16.59 -0.86 -12.30
CA ALA B 114 -17.28 -1.28 -13.53
C ALA B 114 -18.51 -2.05 -13.13
N ALA B 115 -19.67 -1.59 -13.60
CA ALA B 115 -20.93 -2.24 -13.29
C ALA B 115 -21.06 -3.53 -14.09
N PRO B 116 -21.70 -4.55 -13.52
CA PRO B 116 -21.90 -5.80 -14.26
C PRO B 116 -22.96 -5.63 -15.33
N SER B 117 -22.74 -6.32 -16.44
CA SER B 117 -23.81 -6.58 -17.41
C SER B 117 -24.47 -7.88 -17.00
N VAL B 118 -25.79 -7.87 -16.88
CA VAL B 118 -26.53 -8.98 -16.30
C VAL B 118 -27.35 -9.66 -17.39
N PHE B 119 -27.32 -10.99 -17.40
CA PHE B 119 -28.07 -11.81 -18.35
C PHE B 119 -28.69 -12.99 -17.61
N ILE B 120 -29.90 -13.38 -18.01
CA ILE B 120 -30.55 -14.56 -17.44
C ILE B 120 -30.87 -15.53 -18.56
N PHE B 121 -30.65 -16.82 -18.31
CA PHE B 121 -30.83 -17.87 -19.31
C PHE B 121 -31.85 -18.89 -18.82
N PRO B 122 -32.93 -19.12 -19.55
CA PRO B 122 -33.85 -20.20 -19.20
C PRO B 122 -33.22 -21.55 -19.49
N PRO B 123 -33.72 -22.62 -18.88
CA PRO B 123 -33.26 -23.96 -19.26
C PRO B 123 -33.58 -24.25 -20.71
N SER B 124 -32.71 -25.03 -21.34
CA SER B 124 -32.93 -25.43 -22.73
C SER B 124 -34.05 -26.45 -22.82
N ASP B 125 -34.64 -26.54 -24.01
CA ASP B 125 -35.63 -27.59 -24.26
C ASP B 125 -34.99 -28.96 -24.18
N GLU B 126 -33.74 -29.09 -24.65
CA GLU B 126 -33.02 -30.35 -24.55
C GLU B 126 -32.87 -30.79 -23.09
N GLN B 127 -32.48 -29.87 -22.20
CA GLN B 127 -32.35 -30.23 -20.80
C GLN B 127 -33.70 -30.60 -20.20
N LEU B 128 -34.73 -29.83 -20.52
CA LEU B 128 -36.07 -30.09 -19.98
C LEU B 128 -36.55 -31.48 -20.36
N LYS B 129 -36.24 -31.92 -21.59
CA LYS B 129 -36.59 -33.26 -22.04
C LYS B 129 -35.97 -34.34 -21.15
N SER B 130 -34.88 -34.02 -20.45
CA SER B 130 -34.21 -34.96 -19.57
C SER B 130 -34.72 -34.90 -18.13
N GLY B 131 -35.74 -34.09 -17.85
CA GLY B 131 -36.34 -34.01 -16.54
C GLY B 131 -35.70 -33.01 -15.59
N THR B 132 -34.74 -32.22 -16.05
CA THR B 132 -34.01 -31.29 -15.20
C THR B 132 -34.04 -29.90 -15.83
N ALA B 133 -33.97 -28.87 -14.99
CA ALA B 133 -34.00 -27.49 -15.45
C ALA B 133 -32.99 -26.67 -14.66
N SER B 134 -32.03 -26.07 -15.34
CA SER B 134 -31.07 -25.16 -14.73
C SER B 134 -31.33 -23.75 -15.24
N VAL B 135 -31.43 -22.79 -14.33
CA VAL B 135 -31.59 -21.38 -14.65
C VAL B 135 -30.29 -20.67 -14.29
N VAL B 136 -29.72 -19.93 -15.23
CA VAL B 136 -28.40 -19.33 -15.07
C VAL B 136 -28.50 -17.82 -15.13
N CYS B 137 -27.93 -17.15 -14.14
CA CYS B 137 -27.81 -15.70 -14.11
C CYS B 137 -26.33 -15.34 -14.25
N LEU B 138 -26.00 -14.54 -15.27
CA LEU B 138 -24.63 -14.16 -15.55
C LEU B 138 -24.41 -12.69 -15.19
N LEU B 139 -23.33 -12.42 -14.45
CA LEU B 139 -22.89 -11.06 -14.13
C LEU B 139 -21.53 -10.89 -14.79
N ASN B 140 -21.45 -10.06 -15.83
CA ASN B 140 -20.30 -10.04 -16.70
C ASN B 140 -19.47 -8.77 -16.55
N ASN B 141 -18.15 -8.94 -16.41
CA ASN B 141 -17.15 -7.88 -16.47
C ASN B 141 -17.45 -6.74 -15.51
N PHE B 142 -17.35 -7.05 -14.21
CA PHE B 142 -17.56 -6.04 -13.18
C PHE B 142 -16.33 -5.91 -12.29
N TYR B 143 -16.28 -4.79 -11.56
CA TYR B 143 -15.23 -4.52 -10.58
C TYR B 143 -15.74 -3.46 -9.61
N PRO B 144 -15.54 -3.63 -8.29
CA PRO B 144 -14.78 -4.73 -7.67
C PRO B 144 -15.50 -6.08 -7.63
N ARG B 145 -14.85 -7.06 -7.02
CA ARG B 145 -15.35 -8.43 -7.01
C ARG B 145 -16.65 -8.59 -6.21
N GLU B 146 -16.87 -7.70 -5.24
CA GLU B 146 -18.03 -7.85 -4.36
C GLU B 146 -19.33 -7.54 -5.11
N ALA B 147 -20.35 -8.35 -4.83
CA ALA B 147 -21.65 -8.25 -5.49
C ALA B 147 -22.66 -9.06 -4.69
N LYS B 148 -23.93 -8.82 -4.97
CA LYS B 148 -25.02 -9.58 -4.36
C LYS B 148 -25.98 -10.01 -5.46
N VAL B 149 -26.44 -11.26 -5.37
CA VAL B 149 -27.42 -11.80 -6.30
C VAL B 149 -28.60 -12.31 -5.49
N GLN B 150 -29.81 -11.90 -5.88
CA GLN B 150 -31.04 -12.31 -5.23
C GLN B 150 -31.95 -12.95 -6.26
N TRP B 151 -32.31 -14.21 -6.04
CA TRP B 151 -33.22 -14.93 -6.92
C TRP B 151 -34.65 -14.71 -6.47
N LYS B 152 -35.55 -14.51 -7.44
CA LYS B 152 -36.98 -14.35 -7.18
C LYS B 152 -37.75 -15.25 -8.12
N VAL B 153 -38.67 -16.04 -7.57
CA VAL B 153 -39.51 -16.95 -8.33
C VAL B 153 -40.95 -16.62 -8.02
N ASP B 154 -41.71 -16.21 -9.05
CA ASP B 154 -43.04 -15.61 -8.87
C ASP B 154 -42.99 -14.54 -7.77
N ASN B 155 -41.93 -13.74 -7.79
CA ASN B 155 -41.68 -12.65 -6.85
C ASN B 155 -41.48 -13.12 -5.42
N ALA B 156 -41.15 -14.40 -5.23
CA ALA B 156 -40.80 -14.93 -3.92
C ALA B 156 -39.28 -15.02 -3.82
N LEU B 157 -38.71 -14.34 -2.81
CA LEU B 157 -37.27 -14.31 -2.64
C LEU B 157 -36.75 -15.70 -2.28
N GLN B 158 -35.71 -16.14 -2.99
CA GLN B 158 -35.15 -17.47 -2.82
C GLN B 158 -33.90 -17.40 -1.94
N SER B 159 -33.63 -18.50 -1.23
CA SER B 159 -32.37 -18.62 -0.52
C SER B 159 -31.98 -20.09 -0.44
N GLY B 160 -30.66 -20.32 -0.44
CA GLY B 160 -30.10 -21.63 -0.19
C GLY B 160 -30.14 -22.62 -1.34
N ASN B 161 -30.66 -22.23 -2.50
CA ASN B 161 -30.81 -23.17 -3.61
C ASN B 161 -30.01 -22.76 -4.84
N SER B 162 -29.04 -21.86 -4.70
CA SER B 162 -28.21 -21.47 -5.83
C SER B 162 -26.76 -21.78 -5.55
N GLN B 163 -25.99 -21.93 -6.63
CA GLN B 163 -24.55 -22.11 -6.53
C GLN B 163 -23.87 -21.08 -7.42
N GLU B 164 -22.81 -20.47 -6.91
CA GLU B 164 -22.13 -19.40 -7.61
C GLU B 164 -20.70 -19.78 -7.94
N SER B 165 -20.19 -19.23 -9.04
CA SER B 165 -18.82 -19.41 -9.47
C SER B 165 -18.31 -18.09 -10.04
N VAL B 166 -17.04 -17.78 -9.76
CA VAL B 166 -16.44 -16.51 -10.14
C VAL B 166 -15.14 -16.78 -10.89
N THR B 167 -14.95 -16.07 -11.99
CA THR B 167 -13.72 -16.21 -12.77
C THR B 167 -12.55 -15.52 -12.05
N GLU B 168 -11.34 -15.84 -12.50
CA GLU B 168 -10.19 -15.07 -12.08
C GLU B 168 -10.21 -13.70 -12.76
N GLN B 169 -9.53 -12.74 -12.15
CA GLN B 169 -9.49 -11.39 -12.71
C GLN B 169 -8.93 -11.42 -14.12
N ASP B 170 -9.65 -10.79 -15.05
CA ASP B 170 -9.26 -10.83 -16.45
C ASP B 170 -7.93 -10.10 -16.66
N SER B 171 -7.05 -10.71 -17.44
CA SER B 171 -5.72 -10.15 -17.64
C SER B 171 -5.75 -8.86 -18.46
N LYS B 172 -6.78 -8.64 -19.27
CA LYS B 172 -6.83 -7.50 -20.18
C LYS B 172 -7.61 -6.32 -19.65
N ASP B 173 -8.78 -6.54 -19.01
CA ASP B 173 -9.58 -5.44 -18.51
C ASP B 173 -9.76 -5.45 -16.99
N SER B 174 -9.13 -6.38 -16.28
CA SER B 174 -9.08 -6.40 -14.83
C SER B 174 -10.46 -6.59 -14.17
N THR B 175 -11.43 -7.12 -14.90
CA THR B 175 -12.76 -7.32 -14.34
C THR B 175 -12.96 -8.77 -13.91
N TYR B 176 -14.08 -8.99 -13.23
CA TYR B 176 -14.52 -10.31 -12.81
C TYR B 176 -15.86 -10.63 -13.48
N SER B 177 -16.17 -11.91 -13.59
CA SER B 177 -17.48 -12.34 -14.02
C SER B 177 -17.95 -13.45 -13.09
N LEU B 178 -19.26 -13.58 -12.95
CA LEU B 178 -19.86 -14.49 -12.00
C LEU B 178 -21.09 -15.15 -12.59
N SER B 179 -21.27 -16.43 -12.33
CA SER B 179 -22.49 -17.15 -12.65
C SER B 179 -23.18 -17.56 -11.36
N SER B 180 -24.51 -17.52 -11.38
CA SER B 180 -25.34 -18.07 -10.31
C SER B 180 -26.35 -18.99 -10.97
N THR B 181 -26.43 -20.22 -10.48
CA THR B 181 -27.25 -21.24 -11.11
C THR B 181 -28.29 -21.78 -10.14
N LEU B 182 -29.55 -21.79 -10.57
CA LEU B 182 -30.67 -22.38 -9.86
C LEU B 182 -31.04 -23.66 -10.59
N THR B 183 -31.01 -24.79 -9.89
CA THR B 183 -31.29 -26.09 -10.50
C THR B 183 -32.58 -26.65 -9.91
N LEU B 184 -33.53 -26.97 -10.78
CA LEU B 184 -34.84 -27.46 -10.37
C LEU B 184 -35.22 -28.64 -11.25
N SER B 185 -36.07 -29.52 -10.71
CA SER B 185 -36.67 -30.55 -11.54
C SER B 185 -37.65 -29.91 -12.52
N LYS B 186 -37.88 -30.60 -13.64
CA LYS B 186 -38.83 -30.09 -14.62
C LYS B 186 -40.18 -29.83 -13.99
N ALA B 187 -40.63 -30.73 -13.11
CA ALA B 187 -41.91 -30.54 -12.44
C ALA B 187 -41.89 -29.33 -11.53
N ASP B 188 -40.79 -29.12 -10.78
CA ASP B 188 -40.69 -27.95 -9.92
C ASP B 188 -40.62 -26.66 -10.75
N TYR B 189 -39.91 -26.70 -11.87
CA TYR B 189 -39.79 -25.54 -12.73
C TYR B 189 -41.13 -25.13 -13.34
N GLU B 190 -41.98 -26.11 -13.66
CA GLU B 190 -43.26 -25.86 -14.31
C GLU B 190 -44.32 -25.36 -13.34
N LYS B 191 -43.99 -25.32 -12.06
CA LYS B 191 -44.89 -24.82 -11.03
C LYS B 191 -44.98 -23.31 -11.04
N HIS B 192 -44.00 -22.64 -11.64
CA HIS B 192 -43.83 -21.20 -11.50
C HIS B 192 -43.68 -20.59 -12.88
N LYS B 193 -43.99 -19.30 -12.97
CA LYS B 193 -43.99 -18.62 -14.26
C LYS B 193 -42.85 -17.62 -14.39
N VAL B 194 -42.66 -16.74 -13.41
CA VAL B 194 -41.67 -15.67 -13.50
C VAL B 194 -40.40 -16.09 -12.76
N TYR B 195 -39.27 -16.03 -13.46
CA TYR B 195 -37.97 -16.33 -12.89
C TYR B 195 -37.09 -15.10 -13.06
N ALA B 196 -36.50 -14.63 -11.96
CA ALA B 196 -35.77 -13.38 -11.98
C ALA B 196 -34.52 -13.47 -11.11
N CYS B 197 -33.48 -12.76 -11.51
CA CYS B 197 -32.31 -12.52 -10.67
C CYS B 197 -32.06 -11.02 -10.57
N GLU B 198 -31.82 -10.55 -9.35
CA GLU B 198 -31.61 -9.15 -9.06
C GLU B 198 -30.20 -8.97 -8.52
N VAL B 199 -29.46 -8.03 -9.11
CA VAL B 199 -28.04 -7.84 -8.85
C VAL B 199 -27.81 -6.50 -8.18
N THR B 200 -27.02 -6.50 -7.10
CA THR B 200 -26.59 -5.28 -6.42
C THR B 200 -25.07 -5.17 -6.52
N HIS B 201 -24.60 -4.01 -6.96
CA HIS B 201 -23.17 -3.79 -7.14
C HIS B 201 -22.88 -2.30 -7.01
N GLN B 202 -21.63 -1.98 -6.61
CA GLN B 202 -21.26 -0.58 -6.41
C GLN B 202 -21.38 0.24 -7.68
N GLY B 203 -21.17 -0.37 -8.83
CA GLY B 203 -21.31 0.35 -10.09
C GLY B 203 -22.73 0.61 -10.52
N LEU B 204 -23.70 0.09 -9.77
CA LEU B 204 -25.11 0.20 -10.13
C LEU B 204 -25.78 1.16 -9.16
N SER B 205 -26.28 2.28 -9.69
CA SER B 205 -26.99 3.24 -8.86
C SER B 205 -28.22 2.60 -8.21
N SER B 206 -28.86 1.67 -8.90
CA SER B 206 -29.99 0.92 -8.37
C SER B 206 -29.85 -0.53 -8.79
N PRO B 207 -30.41 -1.47 -8.03
CA PRO B 207 -30.31 -2.89 -8.40
C PRO B 207 -30.88 -3.15 -9.79
N VAL B 208 -30.21 -4.02 -10.53
CA VAL B 208 -30.64 -4.42 -11.86
C VAL B 208 -31.32 -5.77 -11.77
N THR B 209 -32.47 -5.91 -12.42
CA THR B 209 -33.22 -7.16 -12.42
C THR B 209 -33.41 -7.61 -13.87
N LYS B 210 -33.07 -8.87 -14.14
CA LYS B 210 -33.36 -9.51 -15.40
C LYS B 210 -34.31 -10.66 -15.12
N SER B 211 -35.22 -10.93 -16.05
CA SER B 211 -36.26 -11.92 -15.77
C SER B 211 -36.79 -12.50 -17.07
N PHE B 212 -37.50 -13.62 -16.94
CA PHE B 212 -38.19 -14.24 -18.05
C PHE B 212 -39.43 -14.96 -17.53
N ASN B 213 -40.38 -15.19 -18.43
CA ASN B 213 -41.61 -15.90 -18.14
C ASN B 213 -41.53 -17.29 -18.75
N ARG B 214 -41.71 -18.33 -17.94
CA ARG B 214 -41.71 -19.69 -18.45
C ARG B 214 -42.82 -19.82 -19.49
N GLY B 215 -42.45 -20.22 -20.70
CA GLY B 215 -43.43 -20.35 -21.76
C GLY B 215 -43.21 -19.37 -22.90
N GLU B 216 -43.08 -18.09 -22.59
CA GLU B 216 -42.84 -17.09 -23.62
C GLU B 216 -41.40 -17.20 -24.14
N PHE C 1 19.54 -23.19 9.52
CA PHE C 1 18.46 -24.16 9.36
C PHE C 1 18.94 -25.49 8.81
N LYS C 2 19.74 -25.44 7.74
CA LYS C 2 20.12 -26.65 7.01
C LYS C 2 20.84 -27.64 7.92
N GLU C 3 21.79 -27.15 8.71
CA GLU C 3 22.53 -28.02 9.62
C GLU C 3 21.62 -28.57 10.71
N GLU C 4 20.67 -27.76 11.19
CA GLU C 4 19.73 -28.23 12.20
C GLU C 4 18.81 -29.31 11.65
N LEU C 5 18.36 -29.16 10.41
CA LEU C 5 17.50 -30.17 9.80
C LEU C 5 18.26 -31.48 9.61
N ASP C 6 19.48 -31.39 9.08
CA ASP C 6 20.34 -32.58 9.00
C ASP C 6 20.49 -33.25 10.35
N LYS C 7 20.67 -32.45 11.41
CA LYS C 7 20.91 -33.00 12.74
C LYS C 7 19.69 -33.77 13.25
N TYR C 8 18.48 -33.30 12.95
CA TYR C 8 17.29 -34.01 13.37
C TYR C 8 17.30 -35.45 12.89
N PHE C 9 17.84 -35.68 11.70
CA PHE C 9 17.84 -37.01 11.10
C PHE C 9 19.15 -37.77 11.35
N LYS C 10 19.98 -37.31 12.29
CA LYS C 10 21.33 -37.84 12.44
C LYS C 10 21.33 -39.32 12.82
N ASN C 11 20.40 -39.73 13.68
CA ASN C 11 20.41 -41.11 14.19
C ASN C 11 19.96 -42.13 13.15
N HIS C 12 19.53 -41.70 11.97
CA HIS C 12 19.02 -42.59 10.93
C HIS C 12 19.85 -42.38 9.67
N THR C 13 20.71 -43.36 9.36
CA THR C 13 21.59 -43.25 8.20
C THR C 13 21.43 -44.41 7.24
N LEU D 2 12.07 41.66 -9.65
CA LEU D 2 12.03 40.55 -10.60
C LEU D 2 11.42 39.32 -9.96
N GLN D 3 10.92 38.40 -10.78
CA GLN D 3 10.20 37.23 -10.28
C GLN D 3 10.71 35.96 -10.94
N LEU D 4 10.58 34.86 -10.21
CA LEU D 4 11.07 33.55 -10.62
C LEU D 4 9.96 32.53 -10.39
N VAL D 5 9.65 31.76 -11.44
CA VAL D 5 8.59 30.76 -11.38
C VAL D 5 9.23 29.39 -11.58
N GLN D 6 9.05 28.51 -10.60
CA GLN D 6 9.70 27.20 -10.61
C GLN D 6 8.73 26.11 -11.07
N SER D 7 9.31 25.01 -11.54
CA SER D 7 8.54 23.87 -12.02
C SER D 7 7.85 23.16 -10.85
N GLY D 8 6.98 22.20 -11.20
CA GLY D 8 6.12 21.59 -10.21
C GLY D 8 6.77 20.45 -9.43
N ALA D 9 6.09 20.07 -8.34
CA ALA D 9 6.62 19.07 -7.41
C ALA D 9 6.92 17.75 -8.10
N GLU D 10 7.93 17.05 -7.59
CA GLU D 10 8.40 15.80 -8.16
C GLU D 10 8.49 14.72 -7.10
N VAL D 11 8.25 13.48 -7.53
CA VAL D 11 8.40 12.29 -6.70
C VAL D 11 9.40 11.37 -7.41
N LYS D 12 10.37 10.85 -6.66
CA LYS D 12 11.46 10.09 -7.25
C LYS D 12 11.79 8.89 -6.38
N LYS D 13 12.22 7.81 -7.03
CA LYS D 13 12.75 6.66 -6.32
C LYS D 13 14.22 6.88 -5.99
N PRO D 14 14.73 6.26 -4.93
CA PRO D 14 16.17 6.34 -4.65
C PRO D 14 16.98 5.85 -5.84
N GLY D 15 18.05 6.58 -6.15
CA GLY D 15 18.89 6.28 -7.28
C GLY D 15 18.53 7.00 -8.56
N ALA D 16 17.34 7.57 -8.64
CA ALA D 16 16.90 8.29 -9.83
C ALA D 16 17.55 9.67 -9.88
N SER D 17 17.16 10.45 -10.88
CA SER D 17 17.64 11.82 -11.06
C SER D 17 16.45 12.73 -11.19
N VAL D 18 16.67 14.02 -10.93
CA VAL D 18 15.61 15.02 -11.03
C VAL D 18 16.19 16.26 -11.71
N LYS D 19 15.39 16.87 -12.60
CA LYS D 19 15.79 18.09 -13.29
C LYS D 19 14.73 19.15 -13.03
N LEU D 20 15.11 20.19 -12.29
CA LEU D 20 14.21 21.27 -11.94
C LEU D 20 14.45 22.48 -12.84
N SER D 21 13.40 23.26 -13.07
CA SER D 21 13.51 24.46 -13.89
C SER D 21 13.07 25.68 -13.11
N CYS D 22 13.62 26.83 -13.50
CA CYS D 22 13.32 28.12 -12.87
C CYS D 22 13.32 29.17 -13.97
N LYS D 23 12.16 29.74 -14.25
CA LYS D 23 11.96 30.63 -15.40
C LYS D 23 11.64 32.03 -14.90
N ALA D 24 12.38 33.02 -15.39
CA ALA D 24 12.15 34.40 -15.01
C ALA D 24 10.85 34.91 -15.59
N SER D 25 10.06 35.59 -14.77
CA SER D 25 8.80 36.18 -15.23
C SER D 25 8.79 37.68 -15.00
N ASN D 27 8.65 39.72 -17.55
CA ASN D 27 9.23 41.07 -17.54
C ASN D 27 10.67 41.08 -17.02
N THR D 28 11.55 40.34 -17.69
CA THR D 28 12.96 40.29 -17.29
C THR D 28 13.78 40.33 -18.58
N PHE D 29 14.34 41.49 -18.87
CA PHE D 29 15.09 41.74 -20.09
C PHE D 29 16.59 41.70 -19.87
N THR D 30 17.03 41.16 -18.73
CA THR D 30 18.43 41.12 -18.34
C THR D 30 18.70 39.77 -17.69
N SER D 31 19.95 39.33 -17.76
CA SER D 31 20.38 38.09 -17.12
C SER D 31 21.00 38.39 -15.76
N HIS D 32 20.69 37.53 -14.79
CA HIS D 32 21.16 37.68 -13.42
C HIS D 32 21.83 36.38 -12.98
N TYR D 33 22.73 36.49 -11.99
CA TYR D 33 23.19 35.30 -11.30
C TYR D 33 21.99 34.54 -10.75
N ILE D 34 22.06 33.22 -10.76
CA ILE D 34 20.99 32.38 -10.22
C ILE D 34 21.60 31.37 -9.28
N HIS D 35 21.01 31.23 -8.09
CA HIS D 35 21.42 30.27 -7.09
C HIS D 35 20.35 29.20 -6.95
N TRP D 36 20.76 28.04 -6.46
CA TRP D 36 19.83 27.01 -6.00
C TRP D 36 20.08 26.75 -4.53
N VAL D 37 18.98 26.68 -3.76
CA VAL D 37 19.02 26.53 -2.32
C VAL D 37 17.92 25.54 -1.92
N ARG D 38 18.26 24.54 -1.10
CA ARG D 38 17.26 23.56 -0.70
C ARG D 38 17.05 23.63 0.81
N GLN D 39 15.90 23.10 1.25
CA GLN D 39 15.54 23.12 2.66
C GLN D 39 14.75 21.86 2.98
N ALA D 40 15.36 20.95 3.72
CA ALA D 40 14.71 19.74 4.19
C ALA D 40 13.77 20.06 5.35
N PRO D 41 12.75 19.22 5.58
CA PRO D 41 11.77 19.53 6.64
C PRO D 41 12.40 19.70 8.01
N GLY D 42 12.08 20.82 8.66
CA GLY D 42 12.60 21.13 9.97
C GLY D 42 14.02 21.67 10.00
N GLN D 43 14.65 21.84 8.85
CA GLN D 43 16.03 22.31 8.77
C GLN D 43 16.08 23.71 8.16
N GLY D 44 17.25 24.33 8.27
CA GLY D 44 17.48 25.61 7.62
C GLY D 44 17.88 25.43 6.18
N PRO D 45 17.98 26.55 5.46
CA PRO D 45 18.34 26.50 4.04
C PRO D 45 19.78 26.06 3.84
N GLU D 46 20.04 25.43 2.70
CA GLU D 46 21.37 24.97 2.31
C GLU D 46 21.66 25.39 0.88
N TRP D 47 22.67 26.26 0.71
CA TRP D 47 23.06 26.69 -0.63
C TRP D 47 23.70 25.54 -1.40
N MET D 48 23.28 25.35 -2.65
CA MET D 48 23.83 24.27 -3.48
C MET D 48 24.78 24.74 -4.56
N GLY D 49 24.64 25.96 -5.06
CA GLY D 49 25.53 26.43 -6.10
C GLY D 49 24.95 27.62 -6.83
N ILE D 50 25.73 28.10 -7.80
CA ILE D 50 25.44 29.34 -8.51
C ILE D 50 25.84 29.18 -9.97
N ILE D 51 25.10 29.83 -10.86
CA ILE D 51 25.43 29.90 -12.28
C ILE D 51 25.44 31.38 -12.69
N ASN D 52 26.43 31.78 -13.47
CA ASN D 52 26.62 33.19 -13.78
C ASN D 52 25.63 33.63 -14.86
N PRO D 53 25.48 34.94 -15.09
CA PRO D 53 24.42 35.41 -15.99
C PRO D 53 24.46 34.80 -17.38
N SER D 54 25.66 34.59 -17.94
CA SER D 54 25.75 34.02 -19.28
C SER D 54 25.57 32.51 -19.30
N GLY D 55 25.74 31.85 -18.15
CA GLY D 55 25.75 30.41 -18.12
C GLY D 55 27.09 29.77 -18.44
N SER D 56 28.12 30.58 -18.68
CA SER D 56 29.44 30.04 -18.98
C SER D 56 30.12 29.45 -17.75
N GLY D 57 29.76 29.92 -16.57
CA GLY D 57 30.44 29.52 -15.35
C GLY D 57 29.48 29.07 -14.29
N THR D 58 29.91 28.07 -13.51
CA THR D 58 29.15 27.55 -12.37
C THR D 58 30.12 27.25 -11.23
N ARG D 59 29.57 27.26 -10.02
CA ARG D 59 30.27 26.81 -8.82
C ARG D 59 29.26 26.12 -7.93
N TYR D 60 29.59 24.91 -7.50
CA TYR D 60 28.72 24.09 -6.66
C TYR D 60 29.33 23.93 -5.27
N ALA D 61 28.46 23.84 -4.27
CA ALA D 61 28.91 23.55 -2.93
C ALA D 61 29.60 22.19 -2.89
N GLN D 62 30.61 22.07 -2.01
CA GLN D 62 31.44 20.88 -1.97
C GLN D 62 30.62 19.62 -1.74
N LYS D 63 29.56 19.72 -0.93
CA LYS D 63 28.77 18.54 -0.64
C LYS D 63 27.97 18.05 -1.85
N PHE D 64 27.87 18.84 -2.91
CA PHE D 64 27.13 18.45 -4.10
C PHE D 64 27.99 18.29 -5.34
N GLN D 65 29.29 18.58 -5.25
CA GLN D 65 30.17 18.41 -6.40
C GLN D 65 30.14 16.97 -6.91
N GLY D 66 29.95 16.82 -8.21
CA GLY D 66 29.80 15.52 -8.82
C GLY D 66 28.37 15.03 -8.93
N ARG D 67 27.43 15.65 -8.22
CA ARG D 67 26.04 15.22 -8.23
C ARG D 67 25.08 16.24 -8.83
N VAL D 68 25.42 17.53 -8.81
CA VAL D 68 24.53 18.58 -9.28
C VAL D 68 25.10 19.17 -10.56
N THR D 69 24.20 19.60 -11.45
CA THR D 69 24.57 20.27 -12.69
C THR D 69 23.58 21.40 -12.93
N MET D 70 24.11 22.61 -13.16
CA MET D 70 23.29 23.76 -13.46
C MET D 70 23.55 24.22 -14.89
N THR D 71 22.48 24.49 -15.63
CA THR D 71 22.55 25.02 -16.98
C THR D 71 21.50 26.12 -17.12
N ARG D 72 21.62 26.91 -18.19
CA ARG D 72 20.60 27.93 -18.43
C ARG D 72 20.46 28.17 -19.92
N ASP D 73 19.27 28.61 -20.30
CA ASP D 73 18.89 28.91 -21.68
C ASP D 73 18.42 30.36 -21.69
N THR D 74 19.33 31.27 -22.06
CA THR D 74 19.03 32.70 -21.99
C THR D 74 17.89 33.08 -22.93
N SER D 75 17.69 32.31 -24.00
CA SER D 75 16.59 32.62 -24.93
C SER D 75 15.23 32.43 -24.28
N THR D 76 15.11 31.48 -23.34
CA THR D 76 13.86 31.27 -22.62
C THR D 76 13.88 31.83 -21.21
N SER D 77 14.98 32.47 -20.80
CA SER D 77 15.13 33.00 -19.44
C SER D 77 14.87 31.90 -18.42
N THR D 78 15.43 30.72 -18.67
CA THR D 78 15.22 29.55 -17.82
C THR D 78 16.55 29.02 -17.33
N VAL D 79 16.60 28.62 -16.07
CA VAL D 79 17.76 27.99 -15.45
C VAL D 79 17.33 26.61 -14.97
N TYR D 80 18.18 25.61 -15.18
CA TYR D 80 17.90 24.24 -14.81
C TYR D 80 18.90 23.75 -13.77
N MET D 81 18.44 22.85 -12.91
CA MET D 81 19.33 22.20 -11.95
C MET D 81 19.00 20.71 -11.95
N GLU D 82 20.00 19.88 -12.24
CA GLU D 82 19.82 18.44 -12.22
C GLU D 82 20.60 17.84 -11.06
N LEU D 83 19.92 17.02 -10.25
CA LEU D 83 20.52 16.32 -9.13
C LEU D 83 20.36 14.82 -9.38
N VAL D 84 21.47 14.10 -9.38
CA VAL D 84 21.48 12.67 -9.73
C VAL D 84 21.76 11.84 -8.48
N SER D 85 21.52 10.53 -8.60
CA SER D 85 21.79 9.58 -7.53
C SER D 85 21.06 9.97 -6.25
N LEU D 86 19.76 10.26 -6.40
CA LEU D 86 18.97 10.78 -5.30
C LEU D 86 18.94 9.80 -4.13
N ARG D 87 18.97 10.35 -2.91
CA ARG D 87 18.85 9.58 -1.68
C ARG D 87 17.68 10.13 -0.86
N PHE D 88 17.28 9.37 0.16
CA PHE D 88 16.20 9.82 1.03
C PHE D 88 16.46 11.23 1.56
N GLU D 89 17.70 11.50 1.94
CA GLU D 89 18.09 12.81 2.48
C GLU D 89 17.92 13.94 1.49
N ASP D 90 17.77 13.64 0.20
CA ASP D 90 17.54 14.70 -0.78
C ASP D 90 16.11 15.21 -0.80
N THR D 91 15.22 14.63 0.00
CA THR D 91 13.86 15.14 0.11
C THR D 91 13.88 16.54 0.69
N ALA D 92 13.37 17.52 -0.05
CA ALA D 92 13.49 18.92 0.36
C ALA D 92 12.66 19.79 -0.58
N VAL D 93 12.44 21.02 -0.15
CA VAL D 93 11.97 22.09 -1.02
C VAL D 93 13.18 22.73 -1.67
N TYR D 94 13.18 22.81 -2.99
CA TYR D 94 14.30 23.36 -3.74
C TYR D 94 13.93 24.73 -4.27
N TYR D 95 14.74 25.73 -3.95
CA TYR D 95 14.48 27.12 -4.31
C TYR D 95 15.51 27.59 -5.32
N CYS D 96 15.08 28.43 -6.26
CA CYS D 96 16.01 29.23 -7.04
C CYS D 96 15.94 30.67 -6.55
N ALA D 97 17.08 31.34 -6.59
CA ALA D 97 17.17 32.72 -6.10
C ALA D 97 18.12 33.49 -7.01
N GLY D 98 17.84 34.79 -7.17
CA GLY D 98 18.57 35.59 -8.12
C GLY D 98 19.40 36.73 -7.53
N ASP D 99 20.40 37.15 -8.30
CA ASP D 99 21.28 38.29 -8.04
C ASP D 99 22.41 37.93 -7.07
N TYR D 100 23.32 38.89 -6.81
CA TYR D 100 24.56 38.60 -6.08
C TYR D 100 24.27 38.11 -4.67
N TYR D 101 23.44 38.83 -3.96
CA TYR D 101 22.89 38.36 -2.73
C TYR D 101 21.59 37.71 -3.13
N LEU D 102 20.98 36.96 -2.26
CA LEU D 102 19.82 36.21 -2.74
C LEU D 102 18.59 37.11 -2.64
N ASP D 103 18.56 38.12 -3.53
CA ASP D 103 17.64 39.25 -3.41
C ASP D 103 16.20 38.89 -3.74
N TYR D 104 15.98 37.93 -4.64
CA TYR D 104 14.62 37.51 -4.94
C TYR D 104 14.60 36.00 -5.16
N TRP D 105 13.45 35.39 -4.87
CA TRP D 105 13.33 33.95 -4.75
C TRP D 105 12.12 33.44 -5.54
N GLY D 106 12.27 32.25 -6.09
CA GLY D 106 11.13 31.52 -6.62
C GLY D 106 10.30 30.96 -5.48
N GLN D 107 9.19 30.30 -5.86
CA GLN D 107 8.25 29.79 -4.87
C GLN D 107 8.70 28.45 -4.28
N GLY D 108 9.69 27.80 -4.86
CA GLY D 108 10.15 26.52 -4.34
C GLY D 108 9.47 25.34 -5.03
N THR D 109 10.19 24.22 -5.07
CA THR D 109 9.70 22.98 -5.67
C THR D 109 9.98 21.84 -4.70
N LEU D 110 8.93 21.15 -4.27
CA LEU D 110 9.09 19.99 -3.39
C LEU D 110 9.56 18.79 -4.21
N VAL D 111 10.66 18.17 -3.78
CA VAL D 111 11.13 16.92 -4.36
C VAL D 111 11.15 15.88 -3.25
N THR D 112 10.39 14.80 -3.42
CA THR D 112 10.32 13.72 -2.43
C THR D 112 10.99 12.48 -3.01
N VAL D 113 11.98 11.95 -2.31
CA VAL D 113 12.72 10.77 -2.72
C VAL D 113 12.38 9.64 -1.77
N SER D 114 11.74 8.60 -2.30
CA SER D 114 11.23 7.51 -1.48
C SER D 114 10.94 6.31 -2.35
N SER D 115 10.92 5.13 -1.73
CA SER D 115 10.44 3.92 -2.39
C SER D 115 8.93 3.85 -2.42
N ALA D 116 8.24 4.65 -1.60
CA ALA D 116 6.79 4.65 -1.59
C ALA D 116 6.24 5.17 -2.92
N SER D 117 5.00 4.80 -3.19
CA SER D 117 4.29 5.25 -4.38
C SER D 117 3.14 6.17 -3.95
N THR D 118 2.76 7.08 -4.85
CA THR D 118 1.73 8.07 -4.54
C THR D 118 0.45 7.39 -4.09
N LYS D 119 -0.12 7.88 -3.00
CA LYS D 119 -1.26 7.21 -2.37
C LYS D 119 -2.04 8.22 -1.55
N GLY D 120 -3.36 8.21 -1.70
CA GLY D 120 -4.22 9.08 -0.94
C GLY D 120 -4.41 8.60 0.49
N PRO D 121 -4.83 9.51 1.37
CA PRO D 121 -4.92 9.16 2.79
C PRO D 121 -6.20 8.42 3.15
N SER D 122 -6.11 7.66 4.24
CA SER D 122 -7.29 7.18 4.95
C SER D 122 -7.58 8.18 6.06
N VAL D 123 -8.85 8.58 6.20
CA VAL D 123 -9.26 9.63 7.12
C VAL D 123 -10.13 9.01 8.20
N PHE D 124 -9.72 9.15 9.46
CA PHE D 124 -10.43 8.51 10.55
C PHE D 124 -10.91 9.56 11.55
N PRO D 125 -12.07 9.33 12.17
CA PRO D 125 -12.56 10.30 13.16
C PRO D 125 -11.77 10.26 14.45
N LEU D 126 -11.57 11.43 15.03
CA LEU D 126 -11.04 11.60 16.39
C LEU D 126 -12.24 12.08 17.21
N ALA D 127 -13.00 11.13 17.75
CA ALA D 127 -14.30 11.45 18.30
C ALA D 127 -14.19 12.20 19.63
N PRO D 128 -15.13 13.12 19.90
CA PRO D 128 -15.11 13.85 21.17
C PRO D 128 -15.93 13.19 22.27
N SER D 129 -15.94 13.81 23.45
CA SER D 129 -16.85 13.41 24.53
C SER D 129 -16.96 14.53 25.56
N THR D 137 -15.72 22.24 27.39
CA THR D 137 -14.63 22.39 26.44
C THR D 137 -14.18 21.04 25.87
N ALA D 138 -14.74 20.69 24.72
CA ALA D 138 -14.46 19.41 24.07
C ALA D 138 -13.53 19.61 22.88
N ALA D 139 -12.84 18.53 22.52
CA ALA D 139 -11.95 18.51 21.36
C ALA D 139 -12.32 17.34 20.46
N LEU D 140 -12.34 17.60 19.15
CA LEU D 140 -12.58 16.56 18.16
C LEU D 140 -11.58 16.75 17.03
N GLY D 141 -11.48 15.78 16.14
CA GLY D 141 -10.53 15.92 15.06
C GLY D 141 -10.67 14.86 14.00
N CYS D 142 -9.69 14.85 13.10
CA CYS D 142 -9.59 13.89 12.01
C CYS D 142 -8.15 13.43 11.90
N LEU D 143 -7.94 12.13 11.85
CA LEU D 143 -6.62 11.54 11.64
C LEU D 143 -6.46 11.24 10.16
N VAL D 144 -5.50 11.90 9.53
CA VAL D 144 -5.23 11.77 8.10
C VAL D 144 -4.00 10.88 7.97
N LYS D 145 -4.19 9.60 7.66
CA LYS D 145 -3.14 8.62 7.81
C LYS D 145 -2.75 7.97 6.49
N ASP D 146 -1.45 7.69 6.35
CA ASP D 146 -0.89 6.82 5.32
C ASP D 146 -1.09 7.39 3.91
N TYR D 147 -0.57 8.60 3.70
CA TYR D 147 -0.57 9.20 2.38
C TYR D 147 0.85 9.51 1.94
N PHE D 148 1.02 9.72 0.63
CA PHE D 148 2.31 10.03 0.03
C PHE D 148 2.09 10.64 -1.33
N PRO D 149 2.82 11.70 -1.71
CA PRO D 149 3.76 12.43 -0.86
C PRO D 149 3.07 13.60 -0.18
N GLU D 150 3.83 14.47 0.47
CA GLU D 150 3.27 15.74 0.89
C GLU D 150 2.87 16.55 -0.35
N PRO D 151 1.91 17.48 -0.21
CA PRO D 151 1.16 17.88 0.96
C PRO D 151 -0.30 17.45 0.94
N VAL D 152 -0.99 17.64 2.07
CA VAL D 152 -2.45 17.55 2.14
C VAL D 152 -2.96 18.85 2.72
N THR D 153 -4.19 19.20 2.36
CA THR D 153 -4.90 20.32 2.95
C THR D 153 -6.07 19.79 3.76
N VAL D 154 -6.40 20.50 4.84
CA VAL D 154 -7.52 20.13 5.71
C VAL D 154 -8.33 21.37 6.01
N SER D 155 -9.64 21.28 5.81
CA SER D 155 -10.57 22.32 6.22
C SER D 155 -11.69 21.67 7.02
N TRP D 156 -12.44 22.50 7.75
CA TRP D 156 -13.57 22.04 8.53
C TRP D 156 -14.82 22.77 8.07
N ASN D 157 -15.88 22.01 7.79
CA ASN D 157 -17.17 22.55 7.33
C ASN D 157 -16.96 23.48 6.14
N SER D 158 -16.15 23.02 5.19
CA SER D 158 -15.88 23.73 3.93
C SER D 158 -15.35 25.14 4.17
N GLY D 159 -14.65 25.35 5.28
CA GLY D 159 -14.05 26.63 5.59
C GLY D 159 -14.84 27.48 6.56
N ALA D 160 -16.04 27.04 6.97
CA ALA D 160 -16.83 27.86 7.89
C ALA D 160 -16.28 27.80 9.31
N LEU D 161 -15.56 26.75 9.66
CA LEU D 161 -14.98 26.58 10.98
C LEU D 161 -13.47 26.78 10.88
N THR D 162 -12.99 27.89 11.42
CA THR D 162 -11.56 28.20 11.47
C THR D 162 -11.06 28.46 12.88
N SER D 163 -11.88 29.02 13.76
CA SER D 163 -11.47 29.30 15.12
C SER D 163 -11.24 28.01 15.91
N GLY D 164 -10.15 27.97 16.68
CA GLY D 164 -9.80 26.82 17.48
C GLY D 164 -9.25 25.63 16.71
N VAL D 165 -9.01 25.76 15.41
CA VAL D 165 -8.54 24.66 14.59
C VAL D 165 -7.02 24.61 14.65
N HIS D 166 -6.48 23.40 14.86
CA HIS D 166 -5.04 23.15 14.79
C HIS D 166 -4.81 21.96 13.88
N THR D 167 -4.21 22.20 12.71
CA THR D 167 -3.80 21.14 11.81
C THR D 167 -2.30 20.97 11.93
N PHE D 168 -1.88 19.80 12.40
CA PHE D 168 -0.48 19.61 12.77
C PHE D 168 0.41 19.36 11.55
N PRO D 169 1.69 19.72 11.64
CA PRO D 169 2.64 19.31 10.60
C PRO D 169 2.70 17.80 10.49
N ALA D 170 2.78 17.31 9.25
CA ALA D 170 2.85 15.89 9.01
C ALA D 170 4.11 15.29 9.64
N VAL D 171 4.01 14.02 9.99
CA VAL D 171 5.17 13.24 10.44
C VAL D 171 5.37 12.12 9.44
N LEU D 172 6.64 11.82 9.13
CA LEU D 172 6.99 10.73 8.24
C LEU D 172 7.09 9.44 9.06
N GLN D 173 6.20 8.49 8.77
CA GLN D 173 6.17 7.23 9.50
C GLN D 173 7.26 6.29 9.00
N SER D 174 7.52 5.25 9.80
CA SER D 174 8.53 4.27 9.42
C SER D 174 8.14 3.51 8.16
N SER D 175 6.84 3.42 7.88
CA SER D 175 6.38 2.79 6.64
C SER D 175 6.72 3.61 5.40
N GLY D 176 7.26 4.82 5.56
CA GLY D 176 7.49 5.71 4.44
C GLY D 176 6.29 6.53 4.03
N LEU D 177 5.18 6.44 4.75
CA LEU D 177 3.98 7.22 4.46
C LEU D 177 3.83 8.30 5.53
N TYR D 178 3.12 9.37 5.16
CA TYR D 178 2.93 10.49 6.06
C TYR D 178 1.60 10.37 6.81
N SER D 179 1.53 11.06 7.94
CA SER D 179 0.28 11.14 8.71
C SER D 179 0.26 12.43 9.50
N LEU D 180 -0.94 12.96 9.70
CA LEU D 180 -1.15 14.15 10.51
C LEU D 180 -2.54 14.08 11.13
N SER D 181 -2.74 14.89 12.16
CA SER D 181 -4.05 15.11 12.74
C SER D 181 -4.43 16.58 12.62
N SER D 182 -5.71 16.83 12.43
CA SER D 182 -6.29 18.16 12.54
C SER D 182 -7.35 18.11 13.63
N VAL D 183 -7.25 19.01 14.61
CA VAL D 183 -8.18 19.01 15.73
C VAL D 183 -8.76 20.41 15.90
N VAL D 184 -9.84 20.49 16.66
CA VAL D 184 -10.46 21.76 16.98
C VAL D 184 -11.12 21.64 18.34
N THR D 185 -11.00 22.70 19.15
CA THR D 185 -11.68 22.75 20.44
C THR D 185 -13.02 23.47 20.28
N VAL D 186 -14.05 22.94 20.94
CA VAL D 186 -15.42 23.46 20.84
C VAL D 186 -16.07 23.34 22.23
N PRO D 187 -17.07 24.18 22.49
CA PRO D 187 -17.81 24.00 23.74
C PRO D 187 -18.58 22.68 23.70
N SER D 188 -18.55 21.96 24.83
CA SER D 188 -19.25 20.68 24.90
C SER D 188 -20.73 20.85 24.59
N SER D 189 -21.27 22.05 24.80
CA SER D 189 -22.67 22.32 24.48
C SER D 189 -22.98 22.23 23.00
N SER D 190 -21.98 22.40 22.12
CA SER D 190 -22.23 22.38 20.69
C SER D 190 -22.28 20.97 20.11
N LEU D 191 -21.90 19.95 20.87
CA LEU D 191 -21.84 18.60 20.31
C LEU D 191 -23.21 18.08 19.90
N GLY D 192 -24.27 18.56 20.54
CA GLY D 192 -25.62 18.18 20.18
C GLY D 192 -26.32 19.13 19.24
N THR D 193 -25.63 20.19 18.80
CA THR D 193 -26.22 21.22 17.96
C THR D 193 -25.50 21.36 16.62
N GLN D 194 -24.17 21.44 16.64
CA GLN D 194 -23.38 21.68 15.45
C GLN D 194 -22.83 20.37 14.91
N THR D 195 -22.83 20.24 13.59
CA THR D 195 -22.19 19.13 12.91
C THR D 195 -20.74 19.49 12.60
N TYR D 196 -19.89 18.47 12.51
CA TYR D 196 -18.47 18.67 12.28
C TYR D 196 -17.97 17.70 11.22
N ILE D 197 -17.50 18.25 10.10
CA ILE D 197 -16.98 17.47 8.98
C ILE D 197 -15.64 18.07 8.59
N CYS D 198 -14.61 17.22 8.49
CA CYS D 198 -13.32 17.66 8.01
C CYS D 198 -13.20 17.34 6.53
N ASN D 199 -12.68 18.29 5.76
CA ASN D 199 -12.51 18.16 4.32
C ASN D 199 -11.02 18.01 4.03
N VAL D 200 -10.64 16.86 3.47
CA VAL D 200 -9.24 16.54 3.23
C VAL D 200 -9.02 16.45 1.72
N ASN D 201 -8.04 17.21 1.23
CA ASN D 201 -7.64 17.14 -0.17
C ASN D 201 -6.17 16.75 -0.24
N HIS D 202 -5.86 15.75 -1.05
CA HIS D 202 -4.49 15.32 -1.34
C HIS D 202 -4.34 15.42 -2.86
N LYS D 203 -3.94 16.59 -3.33
CA LYS D 203 -3.83 16.84 -4.75
C LYS D 203 -2.90 15.88 -5.49
N PRO D 204 -1.76 15.45 -4.93
CA PRO D 204 -0.91 14.48 -5.66
C PRO D 204 -1.63 13.21 -6.10
N SER D 205 -2.64 12.74 -5.37
CA SER D 205 -3.39 11.55 -5.75
C SER D 205 -4.80 11.87 -6.25
N ASN D 206 -5.12 13.15 -6.40
CA ASN D 206 -6.46 13.59 -6.83
C ASN D 206 -7.54 13.01 -5.92
N THR D 207 -7.23 12.89 -4.64
CA THR D 207 -8.16 12.34 -3.67
C THR D 207 -8.74 13.45 -2.80
N LYS D 208 -10.06 13.42 -2.63
CA LYS D 208 -10.78 14.35 -1.79
C LYS D 208 -11.73 13.54 -0.92
N VAL D 209 -11.66 13.76 0.39
CA VAL D 209 -12.45 12.99 1.35
C VAL D 209 -13.09 13.95 2.34
N ASP D 210 -14.37 13.71 2.64
CA ASP D 210 -15.08 14.40 3.71
C ASP D 210 -15.47 13.37 4.76
N LYS D 211 -15.16 13.65 6.02
CA LYS D 211 -15.43 12.72 7.10
C LYS D 211 -16.23 13.41 8.19
N LYS D 212 -17.38 12.82 8.53
CA LYS D 212 -18.19 13.32 9.64
C LYS D 212 -17.57 12.87 10.96
N VAL D 213 -17.39 13.81 11.87
CA VAL D 213 -16.86 13.52 13.20
C VAL D 213 -18.02 13.66 14.19
N GLU D 214 -18.54 12.55 14.65
CA GLU D 214 -19.71 12.50 15.51
C GLU D 214 -19.32 12.06 16.92
N PRO D 215 -20.02 12.54 17.95
CA PRO D 215 -19.74 12.18 19.35
C PRO D 215 -19.88 10.68 19.62
N PHE E 2 32.16 27.55 5.34
CA PHE E 2 32.13 28.44 6.50
C PHE E 2 31.39 27.72 7.64
N VAL E 3 31.80 27.94 8.88
CA VAL E 3 31.18 27.34 10.04
C VAL E 3 30.60 28.46 10.91
N LEU E 4 29.29 28.41 11.12
CA LEU E 4 28.55 29.51 11.73
C LEU E 4 27.71 29.02 12.89
N THR E 5 27.69 29.80 13.95
CA THR E 5 26.86 29.54 15.13
C THR E 5 25.94 30.74 15.34
N GLN E 6 24.70 30.48 15.73
CA GLN E 6 23.74 31.55 16.02
C GLN E 6 23.18 31.37 17.41
N SER E 7 23.34 32.39 18.25
CA SER E 7 22.84 32.39 19.62
C SER E 7 21.90 33.56 19.85
N PRO E 8 20.85 33.38 20.67
CA PRO E 8 20.49 32.05 21.17
C PRO E 8 19.68 31.31 20.12
N GLY E 9 19.38 30.03 20.34
CA GLY E 9 18.57 29.30 19.40
C GLY E 9 17.16 29.86 19.29
N THR E 10 16.61 30.35 20.40
CA THR E 10 15.28 30.95 20.42
C THR E 10 15.31 32.19 21.28
N LEU E 11 14.76 33.29 20.77
CA LEU E 11 14.60 34.53 21.50
C LEU E 11 13.12 34.76 21.76
N SER E 12 12.76 34.96 23.03
CA SER E 12 11.38 35.18 23.44
C SER E 12 11.23 36.62 23.91
N LEU E 13 10.47 37.41 23.16
CA LEU E 13 10.37 38.84 23.38
C LEU E 13 8.94 39.30 23.08
N SER E 14 8.62 40.52 23.51
CA SER E 14 7.29 41.07 23.31
C SER E 14 7.29 42.10 22.18
N PRO E 15 6.16 42.34 21.54
CA PRO E 15 6.10 43.36 20.50
C PRO E 15 6.42 44.74 21.06
N GLY E 16 7.15 45.52 20.27
CA GLY E 16 7.63 46.82 20.70
C GLY E 16 9.01 46.81 21.32
N GLU E 17 9.59 45.65 21.58
CA GLU E 17 10.88 45.52 22.25
C GLU E 17 12.00 45.37 21.20
N ARG E 18 13.24 45.53 21.67
CA ARG E 18 14.42 45.47 20.83
C ARG E 18 14.97 44.04 20.78
N ALA E 19 15.24 43.56 19.57
CA ALA E 19 15.79 42.22 19.37
C ALA E 19 17.25 42.33 18.94
N THR E 20 18.12 41.55 19.59
CA THR E 20 19.54 41.48 19.27
C THR E 20 19.90 40.02 19.00
N LEU E 21 20.24 39.71 17.75
CA LEU E 21 20.57 38.35 17.33
C LEU E 21 22.05 38.27 16.97
N SER E 22 22.69 37.18 17.38
CA SER E 22 24.13 37.01 17.24
C SER E 22 24.45 35.95 16.19
N CYS E 23 25.51 36.21 15.42
CA CYS E 23 26.05 35.23 14.47
C CYS E 23 27.55 35.15 14.67
N ARG E 24 28.05 33.93 14.92
CA ARG E 24 29.46 33.68 15.17
C ARG E 24 30.09 32.78 14.13
N ALA E 25 31.18 33.25 13.54
CA ALA E 25 31.97 32.47 12.61
C ALA E 25 33.16 31.84 13.33
N SER E 26 33.55 30.65 12.84
CA SER E 26 34.70 29.96 13.44
C SER E 26 36.01 30.69 13.13
N GLN E 27 36.08 31.36 11.97
CA GLN E 27 37.23 32.15 11.57
C GLN E 27 36.76 33.54 11.19
N SER E 28 37.68 34.49 11.25
CA SER E 28 37.39 35.87 10.88
C SER E 28 36.77 35.92 9.49
N VAL E 29 35.70 36.71 9.35
CA VAL E 29 34.92 36.77 8.13
C VAL E 29 35.58 37.74 7.16
N THR E 30 36.14 37.22 6.07
CA THR E 30 36.82 38.04 5.09
C THR E 30 35.89 39.09 4.50
N SER E 31 36.32 40.36 4.55
CA SER E 31 35.66 41.48 3.91
C SER E 31 34.26 41.76 4.47
N ASN E 32 33.95 41.22 5.66
CA ASN E 32 32.65 41.43 6.29
C ASN E 32 31.53 40.97 5.37
N TYR E 33 31.78 39.90 4.62
CA TYR E 33 30.80 39.30 3.73
C TYR E 33 29.83 38.45 4.53
N LEU E 34 28.92 39.12 5.23
CA LEU E 34 27.93 38.43 6.06
C LEU E 34 26.55 39.00 5.77
N ALA E 35 25.59 38.11 5.52
CA ALA E 35 24.23 38.50 5.17
C ALA E 35 23.26 37.96 6.21
N TRP E 36 22.08 38.55 6.25
CA TRP E 36 21.00 38.13 7.14
C TRP E 36 19.72 37.93 6.33
N TYR E 37 18.99 36.87 6.64
CA TYR E 37 17.73 36.57 5.99
C TYR E 37 16.64 36.32 7.03
N GLN E 38 15.41 36.62 6.66
CA GLN E 38 14.21 36.31 7.43
C GLN E 38 13.44 35.21 6.72
N GLN E 39 12.88 34.27 7.49
CA GLN E 39 11.97 33.29 6.90
C GLN E 39 10.79 33.00 7.81
N LYS E 40 9.61 33.06 7.25
CA LYS E 40 8.36 32.75 7.91
C LYS E 40 7.83 31.41 7.41
N PRO E 41 7.04 30.69 8.22
CA PRO E 41 6.52 29.40 7.78
C PRO E 41 5.81 29.48 6.43
N GLY E 42 6.18 28.57 5.54
CA GLY E 42 5.55 28.48 4.23
C GLY E 42 6.06 29.43 3.19
N GLN E 43 7.17 30.13 3.43
CA GLN E 43 7.69 31.11 2.49
C GLN E 43 9.20 30.91 2.30
N ALA E 44 9.69 31.41 1.17
CA ALA E 44 11.12 31.45 0.93
C ALA E 44 11.79 32.46 1.86
N PRO E 45 13.08 32.30 2.14
CA PRO E 45 13.81 33.33 2.88
C PRO E 45 13.76 34.65 2.13
N ARG E 46 13.99 35.72 2.89
CA ARG E 46 13.99 37.09 2.37
C ARG E 46 15.24 37.81 2.83
N LEU E 47 15.93 38.47 1.90
CA LEU E 47 17.17 39.16 2.23
C LEU E 47 16.88 40.41 3.07
N LEU E 48 17.60 40.54 4.19
CA LEU E 48 17.53 41.73 5.04
C LEU E 48 18.79 42.60 4.94
N ILE E 49 19.96 41.98 5.10
CA ILE E 49 21.23 42.69 5.24
C ILE E 49 22.27 41.97 4.38
N PHE E 50 23.15 42.75 3.73
CA PHE E 50 24.32 42.19 3.09
C PHE E 50 25.53 43.04 3.44
N GLY E 51 26.72 42.49 3.22
CA GLY E 51 27.94 43.20 3.58
C GLY E 51 28.03 43.53 5.05
N ALA E 52 27.33 42.75 5.89
CA ALA E 52 27.24 42.89 7.35
C ALA E 52 26.42 44.09 7.81
N SER E 53 26.48 45.23 7.09
CA SER E 53 25.77 46.41 7.58
C SER E 53 25.03 47.20 6.50
N SER E 54 24.87 46.67 5.29
CA SER E 54 24.04 47.30 4.27
C SER E 54 22.63 46.71 4.35
N ARG E 55 21.63 47.58 4.51
CA ARG E 55 20.24 47.12 4.53
C ARG E 55 19.73 46.97 3.10
N ALA E 56 19.08 45.84 2.83
CA ALA E 56 18.58 45.59 1.49
C ALA E 56 17.47 46.58 1.13
N THR E 57 17.24 46.73 -0.18
CA THR E 57 16.20 47.62 -0.66
C THR E 57 14.82 47.08 -0.26
N GLY E 58 13.96 47.99 0.19
CA GLY E 58 12.62 47.62 0.59
C GLY E 58 12.49 47.05 1.99
N ILE E 59 13.58 46.97 2.73
CA ILE E 59 13.57 46.45 4.11
C ILE E 59 13.37 47.62 5.06
N PRO E 60 12.48 47.49 6.05
CA PRO E 60 12.22 48.61 6.97
C PRO E 60 13.45 49.03 7.75
N ASP E 61 13.51 50.33 8.02
CA ASP E 61 14.48 51.03 8.86
C ASP E 61 14.88 50.30 10.15
N ARG E 62 13.94 49.60 10.78
CA ARG E 62 14.22 49.04 12.09
C ARG E 62 15.21 47.88 12.05
N PHE E 63 15.48 47.32 10.88
CA PHE E 63 16.48 46.26 10.74
C PHE E 63 17.84 46.87 10.46
N SER E 64 18.84 46.49 11.26
CA SER E 64 20.21 46.92 11.01
C SER E 64 21.17 45.79 11.36
N GLY E 65 22.30 45.76 10.66
CA GLY E 65 23.33 44.76 10.90
C GLY E 65 24.64 45.42 11.26
N SER E 66 25.45 44.71 12.04
CA SER E 66 26.73 45.25 12.50
C SER E 66 27.65 44.09 12.84
N GLY E 67 28.93 44.41 13.03
CA GLY E 67 29.91 43.44 13.49
C GLY E 67 31.15 43.43 12.64
N SER E 68 32.11 42.61 13.06
CA SER E 68 33.40 42.47 12.40
C SER E 68 34.09 41.24 12.94
N GLY E 69 35.09 40.75 12.21
CA GLY E 69 35.85 39.60 12.66
C GLY E 69 35.02 38.34 12.69
N THR E 70 34.71 37.83 13.89
CA THR E 70 33.91 36.64 14.05
C THR E 70 32.52 36.91 14.61
N ASP E 71 32.25 38.11 15.14
CA ASP E 71 31.03 38.40 15.85
C ASP E 71 30.17 39.38 15.05
N PHE E 72 28.95 38.98 14.73
CA PHE E 72 28.05 39.83 13.97
C PHE E 72 26.68 39.84 14.63
N THR E 73 25.91 40.89 14.37
CA THR E 73 24.67 41.13 15.08
C THR E 73 23.61 41.70 14.14
N LEU E 74 22.41 41.12 14.19
CA LEU E 74 21.23 41.71 13.58
C LEU E 74 20.40 42.35 14.68
N THR E 75 20.06 43.62 14.51
CA THR E 75 19.27 44.36 15.48
C THR E 75 17.94 44.77 14.86
N ILE E 76 16.85 44.46 15.55
CA ILE E 76 15.53 44.95 15.18
C ILE E 76 15.14 45.96 16.25
N SER E 77 15.09 47.24 15.88
CA SER E 77 14.98 48.29 16.88
C SER E 77 13.72 48.10 17.73
N ARG E 78 12.54 48.00 17.10
CA ARG E 78 11.28 47.77 17.80
C ARG E 78 10.51 46.67 17.06
N LEU E 79 10.28 45.55 17.73
CA LEU E 79 9.63 44.41 17.09
C LEU E 79 8.19 44.71 16.73
N GLU E 80 7.83 44.49 15.47
CA GLU E 80 6.46 44.55 15.00
C GLU E 80 5.88 43.16 14.88
N PRO E 81 4.54 43.02 14.86
CA PRO E 81 3.95 41.67 14.79
C PRO E 81 4.48 40.81 13.65
N GLU E 82 4.85 41.42 12.54
CA GLU E 82 5.36 40.66 11.39
C GLU E 82 6.84 40.31 11.52
N ASP E 83 7.51 40.69 12.61
CA ASP E 83 8.93 40.40 12.78
C ASP E 83 9.20 39.08 13.51
N PHE E 84 8.17 38.41 14.02
CA PHE E 84 8.37 37.16 14.71
C PHE E 84 8.50 36.05 13.68
N ALA E 85 9.70 35.51 13.55
CA ALA E 85 10.07 34.63 12.46
C ALA E 85 11.43 34.03 12.78
N VAL E 86 11.96 33.26 11.85
CA VAL E 86 13.30 32.69 11.98
C VAL E 86 14.26 33.56 11.17
N TYR E 87 15.47 33.73 11.70
CA TYR E 87 16.49 34.56 11.07
C TYR E 87 17.76 33.76 10.87
N TYR E 88 18.31 33.82 9.66
CA TYR E 88 19.51 33.07 9.30
C TYR E 88 20.61 34.05 8.91
N CYS E 89 21.78 33.91 9.52
CA CYS E 89 22.92 34.59 8.96
C CYS E 89 23.53 33.73 7.86
N GLN E 90 24.43 34.34 7.09
CA GLN E 90 25.02 33.66 5.95
C GLN E 90 26.35 34.33 5.63
N GLN E 91 27.43 33.55 5.61
CA GLN E 91 28.72 34.05 5.16
C GLN E 91 28.90 33.68 3.69
N TYR E 92 29.46 34.60 2.91
CA TYR E 92 29.72 34.33 1.50
C TYR E 92 31.12 34.76 1.14
N GLY E 93 31.61 34.23 0.02
CA GLY E 93 32.93 34.55 -0.48
C GLY E 93 32.93 34.48 -1.99
N SER E 94 33.99 35.04 -2.59
CA SER E 94 34.02 35.25 -4.03
C SER E 94 34.97 34.34 -4.79
N SER E 95 35.99 33.76 -4.15
CA SER E 95 36.98 32.94 -4.85
C SER E 95 37.47 31.84 -3.92
N PRO E 96 36.88 30.64 -4.01
CA PRO E 96 35.79 30.34 -4.93
C PRO E 96 34.43 30.83 -4.40
N PRO E 97 33.45 31.00 -5.28
CA PRO E 97 32.11 31.38 -4.83
C PRO E 97 31.59 30.39 -3.81
N MET E 98 31.13 30.91 -2.68
CA MET E 98 30.66 30.07 -1.59
C MET E 98 29.67 30.89 -0.78
N TYR E 99 28.49 30.33 -0.53
CA TYR E 99 27.51 30.91 0.37
C TYR E 99 27.11 29.83 1.38
N THR E 100 27.13 30.17 2.66
CA THR E 100 26.80 29.19 3.70
C THR E 100 25.84 29.81 4.69
N PHE E 101 24.64 29.25 4.80
CA PHE E 101 23.65 29.69 5.76
C PHE E 101 23.96 29.16 7.14
N GLY E 102 23.74 29.99 8.16
CA GLY E 102 23.86 29.56 9.53
C GLY E 102 22.67 28.73 9.97
N PRO E 103 22.72 28.26 11.21
CA PRO E 103 21.68 27.36 11.71
C PRO E 103 20.36 28.02 12.10
N GLY E 104 20.32 29.33 12.29
CA GLY E 104 19.05 30.00 12.48
C GLY E 104 18.76 30.31 13.94
N THR E 105 17.98 31.38 14.16
CA THR E 105 17.48 31.78 15.46
C THR E 105 16.00 32.12 15.32
N LYS E 106 15.14 31.51 16.12
CA LYS E 106 13.72 31.81 16.07
C LYS E 106 13.40 32.92 17.07
N VAL E 107 12.66 33.92 16.61
CA VAL E 107 12.17 35.00 17.47
C VAL E 107 10.69 34.74 17.71
N GLU E 108 10.35 34.35 18.94
CA GLU E 108 8.99 34.02 19.31
C GLU E 108 8.42 35.09 20.23
N ILE E 109 7.08 35.15 20.29
CA ILE E 109 6.38 36.08 21.17
C ILE E 109 6.39 35.53 22.59
N LYS E 110 6.89 36.31 23.53
CA LYS E 110 6.89 35.91 24.92
C LYS E 110 5.54 36.18 25.55
N ARG E 111 5.10 35.27 26.43
CA ARG E 111 3.83 35.41 27.12
C ARG E 111 3.92 34.69 28.45
N THR E 112 2.85 34.79 29.24
CA THR E 112 2.82 34.11 30.53
C THR E 112 2.74 32.60 30.36
N VAL E 113 3.29 31.88 31.33
CA VAL E 113 3.25 30.42 31.32
C VAL E 113 1.80 29.97 31.28
N ALA E 114 1.49 29.05 30.37
CA ALA E 114 0.13 28.56 30.16
C ALA E 114 0.16 27.04 30.10
N ALA E 115 -0.58 26.39 31.00
CA ALA E 115 -0.63 24.94 31.03
C ALA E 115 -1.45 24.40 29.85
N PRO E 116 -1.11 23.21 29.36
CA PRO E 116 -1.88 22.64 28.26
C PRO E 116 -3.20 22.05 28.76
N SER E 117 -4.19 22.06 27.88
CA SER E 117 -5.37 21.22 28.04
C SER E 117 -5.12 19.92 27.31
N VAL E 118 -5.37 18.81 27.99
CA VAL E 118 -4.97 17.48 27.51
C VAL E 118 -6.22 16.68 27.17
N PHE E 119 -6.17 16.00 26.02
CA PHE E 119 -7.25 15.13 25.57
C PHE E 119 -6.63 13.85 25.02
N ILE E 120 -7.37 12.74 25.14
CA ILE E 120 -6.95 11.46 24.58
C ILE E 120 -8.05 10.95 23.66
N PHE E 121 -7.66 10.33 22.55
CA PHE E 121 -8.59 9.82 21.55
C PHE E 121 -8.28 8.34 21.33
N PRO E 122 -9.25 7.44 21.50
CA PRO E 122 -9.03 6.04 21.17
C PRO E 122 -9.01 5.84 19.67
N PRO E 123 -8.51 4.70 19.19
CA PRO E 123 -8.63 4.41 17.75
C PRO E 123 -10.09 4.27 17.36
N SER E 124 -10.39 4.70 16.14
CA SER E 124 -11.74 4.57 15.62
C SER E 124 -12.02 3.12 15.24
N ASP E 125 -13.29 2.75 15.28
CA ASP E 125 -13.67 1.42 14.80
C ASP E 125 -13.29 1.23 13.34
N GLU E 126 -13.52 2.26 12.51
CA GLU E 126 -13.14 2.19 11.11
C GLU E 126 -11.68 1.81 10.93
N GLN E 127 -10.78 2.45 11.67
CA GLN E 127 -9.36 2.12 11.55
C GLN E 127 -9.08 0.72 12.08
N LEU E 128 -9.73 0.34 13.19
CA LEU E 128 -9.51 -0.98 13.74
C LEU E 128 -9.92 -2.08 12.77
N LYS E 129 -10.91 -1.82 11.90
CA LYS E 129 -11.26 -2.81 10.89
C LYS E 129 -10.10 -3.12 9.95
N SER E 130 -9.08 -2.27 9.92
CA SER E 130 -7.94 -2.44 9.02
C SER E 130 -6.73 -3.04 9.72
N GLY E 131 -6.88 -3.49 10.96
CA GLY E 131 -5.76 -4.07 11.69
C GLY E 131 -4.77 -3.07 12.24
N THR E 132 -5.10 -1.78 12.23
CA THR E 132 -4.20 -0.74 12.72
C THR E 132 -4.90 0.04 13.83
N ALA E 133 -4.12 0.47 14.82
CA ALA E 133 -4.65 1.22 15.95
C ALA E 133 -3.74 2.41 16.22
N SER E 134 -4.29 3.62 16.11
CA SER E 134 -3.61 4.85 16.46
C SER E 134 -4.31 5.47 17.65
N VAL E 135 -3.53 5.77 18.70
CA VAL E 135 -4.02 6.47 19.88
C VAL E 135 -3.38 7.85 19.91
N VAL E 136 -4.18 8.89 20.04
CA VAL E 136 -3.73 10.27 19.90
C VAL E 136 -3.93 11.00 21.21
N CYS E 137 -2.87 11.65 21.69
CA CYS E 137 -2.91 12.52 22.86
C CYS E 137 -2.65 13.95 22.41
N LEU E 138 -3.54 14.86 22.77
CA LEU E 138 -3.48 16.26 22.35
C LEU E 138 -3.16 17.15 23.54
N LEU E 139 -2.17 18.03 23.36
CA LEU E 139 -1.81 19.05 24.35
C LEU E 139 -2.10 20.40 23.70
N ASN E 140 -3.11 21.10 24.20
CA ASN E 140 -3.66 22.25 23.49
C ASN E 140 -3.31 23.56 24.19
N ASN E 141 -2.81 24.52 23.42
CA ASN E 141 -2.61 25.91 23.84
C ASN E 141 -1.81 26.02 25.14
N PHE E 142 -0.50 25.76 25.02
CA PHE E 142 0.39 25.87 26.16
C PHE E 142 1.56 26.77 25.81
N TYR E 143 2.28 27.20 26.85
CA TYR E 143 3.47 28.03 26.70
C TYR E 143 4.25 27.95 28.02
N PRO E 144 5.57 27.78 27.97
CA PRO E 144 6.35 27.72 26.72
C PRO E 144 6.24 26.41 25.96
N ARG E 145 6.98 26.33 24.85
CA ARG E 145 6.91 25.16 23.97
C ARG E 145 7.28 23.88 24.68
N GLU E 146 8.12 23.97 25.71
CA GLU E 146 8.65 22.78 26.35
C GLU E 146 7.58 22.03 27.12
N ALA E 147 7.55 20.71 26.93
CA ALA E 147 6.59 19.82 27.58
C ALA E 147 7.11 18.39 27.48
N LYS E 148 6.53 17.50 28.30
CA LYS E 148 6.87 16.09 28.27
C LYS E 148 5.59 15.28 28.28
N VAL E 149 5.55 14.25 27.44
CA VAL E 149 4.43 13.33 27.34
C VAL E 149 4.92 11.93 27.67
N GLN E 150 4.20 11.24 28.55
CA GLN E 150 4.53 9.88 28.92
C GLN E 150 3.34 8.98 28.63
N TRP E 151 3.53 8.01 27.74
CA TRP E 151 2.49 7.04 27.42
C TRP E 151 2.53 5.89 28.41
N LYS E 152 1.35 5.43 28.82
CA LYS E 152 1.22 4.29 29.72
C LYS E 152 0.11 3.37 29.21
N VAL E 153 0.41 2.08 29.11
CA VAL E 153 -0.53 1.08 28.67
C VAL E 153 -0.62 0.02 29.77
N ASP E 154 -1.82 -0.14 30.35
CA ASP E 154 -2.02 -0.92 31.58
C ASP E 154 -0.97 -0.53 32.63
N ASN E 155 -0.78 0.79 32.79
CA ASN E 155 0.14 1.38 33.75
C ASN E 155 1.60 1.06 33.48
N ALA E 156 1.92 0.56 32.28
CA ALA E 156 3.29 0.28 31.88
C ALA E 156 3.81 1.44 31.05
N LEU E 157 4.93 2.01 31.47
CA LEU E 157 5.52 3.15 30.77
C LEU E 157 6.01 2.72 29.39
N GLN E 158 5.61 3.45 28.35
CA GLN E 158 6.03 3.14 26.99
C GLN E 158 7.16 4.06 26.55
N SER E 159 7.95 3.60 25.59
CA SER E 159 8.96 4.44 24.98
C SER E 159 9.26 3.94 23.57
N GLY E 160 9.64 4.87 22.70
CA GLY E 160 10.08 4.55 21.36
C GLY E 160 8.99 4.28 20.34
N ASN E 161 7.72 4.35 20.73
CA ASN E 161 6.63 3.97 19.82
C ASN E 161 5.64 5.11 19.58
N SER E 162 6.04 6.35 19.79
CA SER E 162 5.17 7.48 19.51
C SER E 162 5.88 8.46 18.59
N GLN E 163 5.09 9.30 17.93
CA GLN E 163 5.61 10.39 17.13
C GLN E 163 4.84 11.66 17.49
N GLU E 164 5.56 12.77 17.60
CA GLU E 164 4.96 14.04 18.03
C GLU E 164 5.07 15.10 16.94
N SER E 165 4.11 16.01 16.95
CA SER E 165 4.06 17.14 16.05
C SER E 165 3.62 18.36 16.83
N VAL E 166 4.22 19.52 16.53
CA VAL E 166 3.93 20.76 17.23
C VAL E 166 3.56 21.83 16.22
N THR E 167 2.53 22.61 16.54
CA THR E 167 2.12 23.69 15.65
C THR E 167 3.12 24.84 15.73
N GLU E 168 3.01 25.75 14.75
CA GLU E 168 3.69 27.03 14.87
C GLU E 168 2.99 27.85 15.95
N GLN E 169 3.72 28.83 16.49
CA GLN E 169 3.14 29.68 17.53
C GLN E 169 1.91 30.38 17.00
N ASP E 170 0.81 30.31 17.77
CA ASP E 170 -0.42 30.95 17.33
C ASP E 170 -0.27 32.45 17.38
N SER E 171 -0.68 33.13 16.31
CA SER E 171 -0.49 34.57 16.22
C SER E 171 -1.36 35.33 17.21
N LYS E 172 -2.47 34.75 17.66
CA LYS E 172 -3.42 35.48 18.50
C LYS E 172 -3.15 35.32 19.99
N ASP E 173 -2.90 34.11 20.48
CA ASP E 173 -2.65 33.90 21.90
C ASP E 173 -1.25 33.43 22.21
N SER E 174 -0.38 33.31 21.20
CA SER E 174 1.05 33.05 21.39
C SER E 174 1.30 31.68 22.04
N THR E 175 0.38 30.74 21.89
CA THR E 175 0.51 29.42 22.48
C THR E 175 0.92 28.40 21.43
N TYR E 176 1.33 27.23 21.90
CA TYR E 176 1.66 26.09 21.07
C TYR E 176 0.68 24.95 21.36
N SER E 177 0.53 24.06 20.38
CA SER E 177 -0.21 22.83 20.58
C SER E 177 0.63 21.66 20.06
N LEU E 178 0.44 20.50 20.68
CA LEU E 178 1.21 19.31 20.36
C LEU E 178 0.28 18.11 20.24
N SER E 179 0.60 17.21 19.30
CA SER E 179 -0.03 15.91 19.21
C SER E 179 1.03 14.83 19.40
N SER E 180 0.68 13.79 20.15
CA SER E 180 1.50 12.60 20.28
C SER E 180 0.66 11.40 19.86
N THR E 181 1.15 10.64 18.91
CA THR E 181 0.40 9.52 18.33
C THR E 181 1.13 8.21 18.63
N LEU E 182 0.47 7.34 19.37
CA LEU E 182 0.96 6.01 19.68
C LEU E 182 0.37 5.05 18.66
N THR E 183 1.22 4.36 17.91
CA THR E 183 0.78 3.43 16.88
C THR E 183 1.04 2.00 17.30
N LEU E 184 0.05 1.13 17.09
CA LEU E 184 0.13 -0.25 17.49
C LEU E 184 -0.66 -1.09 16.51
N SER E 185 -0.24 -2.34 16.33
CA SER E 185 -1.06 -3.30 15.63
C SER E 185 -2.37 -3.48 16.37
N LYS E 186 -3.43 -3.81 15.63
CA LYS E 186 -4.69 -4.14 16.30
C LYS E 186 -4.48 -5.31 17.26
N ALA E 187 -3.51 -6.18 16.98
CA ALA E 187 -3.22 -7.30 17.87
C ALA E 187 -2.74 -6.81 19.24
N ASP E 188 -1.71 -5.96 19.26
CA ASP E 188 -1.25 -5.40 20.53
C ASP E 188 -2.30 -4.51 21.18
N TYR E 189 -3.03 -3.72 20.38
CA TYR E 189 -4.04 -2.85 20.97
C TYR E 189 -5.09 -3.65 21.73
N GLU E 190 -5.60 -4.71 21.11
CA GLU E 190 -6.57 -5.59 21.77
C GLU E 190 -5.97 -6.41 22.90
N LYS E 191 -4.64 -6.41 23.06
CA LYS E 191 -4.01 -7.14 24.14
C LYS E 191 -4.06 -6.39 25.47
N HIS E 192 -4.43 -5.12 25.48
CA HIS E 192 -4.42 -4.31 26.69
C HIS E 192 -5.71 -3.52 26.82
N LYS E 193 -5.94 -2.98 28.03
CA LYS E 193 -7.19 -2.32 28.36
C LYS E 193 -7.04 -0.83 28.60
N VAL E 194 -6.11 -0.42 29.46
CA VAL E 194 -6.02 0.96 29.92
C VAL E 194 -4.94 1.70 29.13
N TYR E 195 -5.33 2.78 28.46
CA TYR E 195 -4.43 3.60 27.67
C TYR E 195 -4.44 5.02 28.23
N ALA E 196 -3.26 5.53 28.62
CA ALA E 196 -3.16 6.82 29.27
C ALA E 196 -1.95 7.59 28.75
N CYS E 197 -2.10 8.91 28.66
CA CYS E 197 -0.97 9.80 28.42
C CYS E 197 -0.85 10.78 29.57
N GLU E 198 0.34 10.87 30.14
CA GLU E 198 0.65 11.75 31.27
C GLU E 198 1.48 12.92 30.77
N VAL E 199 1.06 14.13 31.11
CA VAL E 199 1.66 15.36 30.59
C VAL E 199 2.35 16.10 31.72
N THR E 200 3.60 16.52 31.48
CA THR E 200 4.38 17.32 32.41
C THR E 200 4.69 18.65 31.74
N HIS E 201 4.48 19.75 32.47
CA HIS E 201 4.70 21.07 31.90
C HIS E 201 4.94 22.05 33.04
N GLN E 202 5.57 23.18 32.70
CA GLN E 202 5.90 24.18 33.71
C GLN E 202 4.65 24.72 34.40
N GLY E 203 3.58 24.93 33.66
CA GLY E 203 2.35 25.46 34.22
C GLY E 203 1.50 24.47 35.00
N LEU E 204 1.97 23.24 35.15
CA LEU E 204 1.23 22.20 35.86
C LEU E 204 1.91 21.91 37.19
N SER E 205 1.14 22.05 38.27
CA SER E 205 1.68 21.76 39.60
C SER E 205 2.06 20.29 39.74
N SER E 206 1.31 19.41 39.10
CA SER E 206 1.57 17.98 39.06
C SER E 206 1.21 17.49 37.66
N PRO E 207 1.68 16.31 37.27
CA PRO E 207 1.33 15.79 35.93
C PRO E 207 -0.16 15.53 35.80
N VAL E 208 -0.68 15.77 34.60
CA VAL E 208 -2.08 15.52 34.25
C VAL E 208 -2.15 14.27 33.39
N THR E 209 -3.11 13.39 33.69
CA THR E 209 -3.27 12.12 33.00
C THR E 209 -4.67 12.00 32.44
N LYS E 210 -4.77 11.63 31.16
CA LYS E 210 -6.04 11.36 30.50
C LYS E 210 -5.98 9.92 30.01
N SER E 211 -7.05 9.15 30.29
CA SER E 211 -7.03 7.72 30.00
C SER E 211 -8.38 7.26 29.48
N PHE E 212 -8.37 6.07 28.88
CA PHE E 212 -9.60 5.39 28.50
C PHE E 212 -9.38 3.90 28.61
N ASN E 213 -10.48 3.16 28.69
CA ASN E 213 -10.46 1.71 28.72
C ASN E 213 -10.98 1.19 27.39
N ARG E 214 -10.16 0.38 26.71
CA ARG E 214 -10.55 -0.23 25.46
C ARG E 214 -11.92 -0.89 25.59
N GLY E 215 -12.81 -0.60 24.67
CA GLY E 215 -14.15 -1.16 24.71
C GLY E 215 -15.16 -0.26 25.38
N GLU E 216 -14.94 0.07 26.65
CA GLU E 216 -15.85 0.94 27.40
C GLU E 216 -15.98 2.31 26.75
N PHE F 1 32.45 42.90 -3.50
CA PHE F 1 32.11 41.52 -3.76
C PHE F 1 31.70 41.29 -5.21
N LYS F 2 30.89 42.22 -5.74
CA LYS F 2 30.32 42.02 -7.08
C LYS F 2 31.40 41.93 -8.15
N GLU F 3 32.41 42.81 -8.07
CA GLU F 3 33.51 42.74 -9.03
C GLU F 3 34.36 41.48 -8.80
N GLU F 4 34.56 41.09 -7.54
CA GLU F 4 35.33 39.89 -7.26
C GLU F 4 34.64 38.65 -7.83
N LEU F 5 33.32 38.55 -7.63
CA LEU F 5 32.58 37.40 -8.15
C LEU F 5 32.64 37.35 -9.68
N ASP F 6 32.39 38.49 -10.34
CA ASP F 6 32.52 38.55 -11.79
C ASP F 6 33.91 38.10 -12.25
N LYS F 7 34.96 38.50 -11.52
CA LYS F 7 36.31 38.19 -11.95
C LYS F 7 36.63 36.71 -11.80
N TYR F 8 36.02 36.04 -10.82
CA TYR F 8 36.21 34.60 -10.70
C TYR F 8 35.75 33.87 -11.95
N PHE F 9 34.68 34.35 -12.57
CA PHE F 9 34.06 33.66 -13.70
C PHE F 9 34.60 34.10 -15.05
N LYS F 10 35.53 35.04 -15.08
CA LYS F 10 36.03 35.54 -16.36
C LYS F 10 37.44 35.06 -16.63
#